data_5JCP
#
_entry.id   5JCP
#
_cell.length_a   56.786
_cell.length_b   93.208
_cell.length_c   164.283
_cell.angle_alpha   90.00
_cell.angle_beta   90.00
_cell.angle_gamma   90.00
#
_symmetry.space_group_name_H-M   'P 21 21 21'
#
loop_
_entity.id
_entity.type
_entity.pdbx_description
1 polymer 'Arf-GAP with Rho-GAP domain, ANK repeat and PH domain-containing protein 3,Linker,Transforming protein RhoA'
2 non-polymer "GUANOSINE-5'-DIPHOSPHATE"
3 non-polymer 'MAGNESIUM ION'
4 non-polymer 'TETRAFLUOROALUMINATE ION'
5 water water
#
_entity_poly.entity_id   1
_entity_poly.type   'polypeptide(L)'
_entity_poly.pdbx_seq_one_letter_code
;MGHHHHHHMGTGLQEQQMSRGDIPIIVDACISFVTQHGLRLEGVYRKGGARARSLRLLAEFRRDARSVKLRPGEHFVEDV
TDTLKRFFRELDDPVTSARLLPRWREAAELPQKNQRLEKYKDVIGCLPRVNRRTLATLIGHLYRVQKCAALNQMCTRNLA
LLFAPSVFQTDGRGEHEVRVLQELIDGYISVFDIDSDQVAQIDLEVSLITTNLSSDSSLSSPSALNSTASNSPGIEGLSA
AIRKKLVIVGDGACGKTCLLIVNSKDQFPEVYVPTVFENYVADIEVDGKQVELALWDTAGQEDYDRLRPLSYPDTDVILM
CFSIDSPDSLENIPEKWTPEVKHFCPNVPIILVGNKKDLRNDEHTRRELAKMKQEPVKPEEGRDMANRIGAFGYMECSAK
TKDGVREVFEMATRAALQA
;
_entity_poly.pdbx_strand_id   B,A
#
# COMPACT_ATOMS: atom_id res chain seq x y z
CA GLY A 10 26.75 -4.10 -19.20
C GLY A 10 25.49 -3.27 -19.31
N THR A 11 24.85 -3.03 -18.17
CA THR A 11 23.54 -2.40 -18.16
C THR A 11 23.60 -0.96 -17.65
N GLY A 12 24.80 -0.38 -17.52
CA GLY A 12 24.91 0.99 -17.06
C GLY A 12 24.48 1.98 -18.13
N LEU A 13 23.95 3.12 -17.69
CA LEU A 13 23.51 4.14 -18.64
C LEU A 13 24.66 4.64 -19.52
N GLN A 14 25.86 4.78 -18.94
CA GLN A 14 27.01 5.32 -19.66
C GLN A 14 27.60 4.34 -20.66
N GLU A 15 27.26 3.06 -20.55
CA GLU A 15 27.79 2.01 -21.41
C GLU A 15 26.96 1.77 -22.66
N GLN A 16 25.89 2.54 -22.90
CA GLN A 16 25.00 2.27 -24.02
C GLN A 16 25.46 2.93 -25.31
N GLN A 17 25.10 2.31 -26.43
CA GLN A 17 25.25 2.97 -27.71
C GLN A 17 24.37 4.19 -27.74
N MET A 18 24.94 5.32 -28.16
CA MET A 18 24.29 6.63 -28.09
C MET A 18 23.84 7.08 -29.47
N SER A 19 22.66 7.67 -29.53
CA SER A 19 22.13 8.25 -30.75
C SER A 19 22.82 9.58 -31.03
N ARG A 20 22.57 10.10 -32.24
CA ARG A 20 23.07 11.44 -32.58
C ARG A 20 22.63 12.46 -31.54
N GLY A 21 21.50 12.25 -30.88
CA GLY A 21 20.96 13.11 -29.84
C GLY A 21 21.48 12.89 -28.43
N ASP A 22 22.53 12.08 -28.26
CA ASP A 22 23.19 11.89 -26.97
C ASP A 22 22.26 11.24 -25.93
N ILE A 23 21.40 10.33 -26.39
CA ILE A 23 20.67 9.42 -25.51
C ILE A 23 20.88 7.99 -26.02
N PRO A 24 20.62 6.98 -25.18
CA PRO A 24 20.82 5.60 -25.65
C PRO A 24 19.94 5.27 -26.84
N ILE A 25 20.53 4.58 -27.82
CA ILE A 25 19.82 4.20 -29.03
C ILE A 25 18.60 3.34 -28.70
N ILE A 26 18.72 2.44 -27.72
CA ILE A 26 17.58 1.63 -27.30
C ILE A 26 16.38 2.52 -26.97
N VAL A 27 16.61 3.57 -26.18
CA VAL A 27 15.54 4.48 -25.80
C VAL A 27 15.00 5.22 -27.03
N ASP A 28 15.90 5.78 -27.83
CA ASP A 28 15.53 6.52 -29.03
C ASP A 28 14.71 5.66 -29.98
N ALA A 29 15.18 4.44 -30.23
CA ALA A 29 14.51 3.55 -31.19
C ALA A 29 13.14 3.13 -30.70
N CYS A 30 13.01 2.77 -29.41
CA CYS A 30 11.70 2.34 -28.92
C CYS A 30 10.72 3.51 -28.91
N ILE A 31 11.17 4.68 -28.45
CA ILE A 31 10.28 5.82 -28.37
C ILE A 31 9.84 6.25 -29.75
N SER A 32 10.77 6.27 -30.72
CA SER A 32 10.41 6.61 -32.10
C SER A 32 9.37 5.65 -32.66
N PHE A 33 9.59 4.34 -32.50
CA PHE A 33 8.63 3.36 -32.99
C PHE A 33 7.26 3.53 -32.34
N VAL A 34 7.21 3.65 -31.01
CA VAL A 34 5.92 3.78 -30.34
C VAL A 34 5.23 5.07 -30.77
N THR A 35 6.01 6.15 -30.93
CA THR A 35 5.43 7.41 -31.38
C THR A 35 4.80 7.27 -32.77
N GLN A 36 5.45 6.50 -33.66
CA GLN A 36 4.94 6.35 -35.03
C GLN A 36 3.76 5.40 -35.11
N HIS A 37 3.78 4.30 -34.35
CA HIS A 37 2.85 3.21 -34.57
C HIS A 37 2.04 2.80 -33.33
N GLY A 38 2.11 3.56 -32.25
CA GLY A 38 1.53 3.08 -31.01
C GLY A 38 0.69 4.05 -30.23
N LEU A 39 0.65 5.32 -30.66
CA LEU A 39 -0.04 6.30 -29.82
C LEU A 39 -1.55 6.07 -29.77
N ARG A 40 -2.09 5.25 -30.68
CA ARG A 40 -3.51 4.92 -30.71
C ARG A 40 -3.85 3.60 -30.03
N LEU A 41 -2.86 2.75 -29.76
CA LEU A 41 -3.10 1.47 -29.13
C LEU A 41 -3.70 1.64 -27.74
N GLU A 42 -4.88 1.07 -27.51
CA GLU A 42 -5.51 1.18 -26.20
C GLU A 42 -4.72 0.38 -25.16
N GLY A 43 -4.50 0.99 -24.00
CA GLY A 43 -3.65 0.34 -23.00
C GLY A 43 -2.17 0.31 -23.33
N VAL A 44 -1.71 1.15 -24.26
CA VAL A 44 -0.26 1.20 -24.54
C VAL A 44 0.50 1.50 -23.25
N TYR A 45 1.58 0.75 -23.02
CA TYR A 45 2.43 0.73 -21.83
C TYR A 45 1.77 0.00 -20.66
N ARG A 46 0.47 -0.29 -20.73
CA ARG A 46 -0.16 -1.16 -19.74
C ARG A 46 -0.16 -2.62 -20.21
N LYS A 47 -0.43 -2.86 -21.48
CA LYS A 47 -0.34 -4.21 -22.03
C LYS A 47 1.10 -4.58 -22.32
N GLY A 48 1.41 -5.87 -22.16
CA GLY A 48 2.75 -6.39 -22.37
C GLY A 48 2.75 -7.39 -23.51
N GLY A 49 3.97 -7.72 -23.97
CA GLY A 49 4.11 -8.66 -25.06
C GLY A 49 4.27 -10.08 -24.56
N ALA A 50 4.30 -11.01 -25.52
CA ALA A 50 4.64 -12.39 -25.18
C ALA A 50 6.07 -12.44 -24.65
N ARG A 51 6.25 -13.15 -23.53
CA ARG A 51 7.50 -13.05 -22.78
C ARG A 51 8.73 -13.40 -23.63
N ALA A 52 8.80 -14.63 -24.14
CA ALA A 52 10.02 -15.06 -24.84
C ALA A 52 10.30 -14.19 -26.06
N ARG A 53 9.28 -13.91 -26.86
CA ARG A 53 9.47 -13.08 -28.04
C ARG A 53 9.99 -11.70 -27.66
N SER A 54 9.40 -11.06 -26.64
CA SER A 54 9.81 -9.71 -26.28
C SER A 54 11.21 -9.71 -25.68
N LEU A 55 11.56 -10.75 -24.92
CA LEU A 55 12.91 -10.84 -24.36
C LEU A 55 13.96 -11.06 -25.45
N ARG A 56 13.58 -11.70 -26.57
CA ARG A 56 14.51 -11.79 -27.70
C ARG A 56 14.83 -10.41 -28.25
N LEU A 57 13.81 -9.57 -28.41
CA LEU A 57 14.02 -8.22 -28.90
C LEU A 57 14.95 -7.44 -27.97
N LEU A 58 14.75 -7.56 -26.65
CA LEU A 58 15.65 -6.90 -25.72
C LEU A 58 17.08 -7.40 -25.88
N ALA A 59 17.25 -8.71 -26.04
CA ALA A 59 18.58 -9.29 -26.21
C ALA A 59 19.26 -8.79 -27.48
N GLU A 60 18.49 -8.63 -28.57
CA GLU A 60 19.01 -8.01 -29.78
C GLU A 60 19.50 -6.59 -29.50
N PHE A 61 18.71 -5.80 -28.75
CA PHE A 61 19.14 -4.43 -28.44
C PHE A 61 20.41 -4.43 -27.61
N ARG A 62 20.52 -5.36 -26.64
CA ARG A 62 21.73 -5.45 -25.82
C ARG A 62 22.94 -5.85 -26.66
N ARG A 63 22.73 -6.72 -27.65
CA ARG A 63 23.88 -7.18 -28.43
C ARG A 63 24.44 -6.05 -29.29
N ASP A 64 23.57 -5.34 -30.01
CA ASP A 64 24.05 -4.30 -30.94
C ASP A 64 22.87 -3.39 -31.27
N ALA A 65 22.67 -2.37 -30.44
CA ALA A 65 21.41 -1.61 -30.49
C ALA A 65 21.20 -0.93 -31.84
N ARG A 66 22.26 -0.39 -32.43
CA ARG A 66 22.08 0.35 -33.68
C ARG A 66 21.73 -0.56 -34.86
N SER A 67 21.89 -1.87 -34.71
CA SER A 67 21.54 -2.77 -35.79
C SER A 67 20.06 -3.14 -35.81
N VAL A 68 19.32 -2.85 -34.74
CA VAL A 68 17.90 -3.21 -34.66
C VAL A 68 17.08 -2.18 -35.43
N LYS A 69 16.34 -2.63 -36.44
CA LYS A 69 15.47 -1.75 -37.21
C LYS A 69 14.03 -2.18 -36.90
N LEU A 70 13.32 -1.36 -36.13
CA LEU A 70 11.95 -1.69 -35.75
C LEU A 70 11.00 -1.30 -36.88
N ARG A 71 10.20 -2.26 -37.36
CA ARG A 71 9.35 -2.02 -38.52
C ARG A 71 7.91 -2.42 -38.22
N PRO A 72 6.94 -1.59 -38.60
CA PRO A 72 5.54 -1.95 -38.40
C PRO A 72 5.21 -3.22 -39.17
N GLY A 73 4.31 -4.02 -38.59
CA GLY A 73 4.04 -5.34 -39.11
C GLY A 73 5.04 -6.40 -38.74
N GLU A 74 6.27 -6.03 -38.41
CA GLU A 74 7.27 -7.00 -37.97
C GLU A 74 7.42 -7.04 -36.45
N HIS A 75 7.42 -5.89 -35.79
CA HIS A 75 7.63 -5.82 -34.35
C HIS A 75 6.34 -5.42 -33.65
N PHE A 76 6.06 -6.06 -32.53
CA PHE A 76 4.86 -5.78 -31.77
C PHE A 76 5.08 -4.56 -30.91
N VAL A 77 4.11 -3.64 -30.92
CA VAL A 77 4.21 -2.44 -30.08
C VAL A 77 4.44 -2.82 -28.62
N GLU A 78 3.73 -3.85 -28.14
CA GLU A 78 3.82 -4.27 -26.74
C GLU A 78 5.19 -4.84 -26.40
N ASP A 79 5.87 -5.45 -27.37
CA ASP A 79 7.24 -5.87 -27.15
C ASP A 79 8.16 -4.66 -26.99
N VAL A 80 7.93 -3.61 -27.78
CA VAL A 80 8.74 -2.41 -27.75
C VAL A 80 8.50 -1.62 -26.48
N THR A 81 7.22 -1.45 -26.09
CA THR A 81 6.94 -0.77 -24.82
C THR A 81 7.55 -1.54 -23.64
N ASP A 82 7.48 -2.88 -23.69
CA ASP A 82 8.12 -3.68 -22.64
C ASP A 82 9.62 -3.45 -22.63
N THR A 83 10.23 -3.38 -23.82
CA THR A 83 11.67 -3.19 -23.90
C THR A 83 12.07 -1.86 -23.27
N LEU A 84 11.29 -0.80 -23.51
CA LEU A 84 11.62 0.49 -22.93
C LEU A 84 11.57 0.45 -21.40
N LYS A 85 10.53 -0.17 -20.84
CA LYS A 85 10.43 -0.24 -19.38
C LYS A 85 11.55 -1.08 -18.78
N ARG A 86 11.86 -2.22 -19.43
CA ARG A 86 12.94 -3.07 -18.95
C ARG A 86 14.28 -2.34 -19.00
N PHE A 87 14.51 -1.55 -20.05
CA PHE A 87 15.75 -0.77 -20.12
C PHE A 87 15.92 0.09 -18.87
N PHE A 88 14.88 0.83 -18.47
CA PHE A 88 15.03 1.71 -17.31
C PHE A 88 15.14 0.92 -16.01
N ARG A 89 14.41 -0.19 -15.91
CA ARG A 89 14.40 -0.99 -14.70
C ARG A 89 15.75 -1.65 -14.44
N GLU A 90 16.48 -2.00 -15.49
CA GLU A 90 17.70 -2.79 -15.35
C GLU A 90 18.96 -1.93 -15.34
N LEU A 91 18.84 -0.61 -15.44
CA LEU A 91 20.01 0.24 -15.26
C LEU A 91 20.65 0.00 -13.90
N ASP A 92 21.99 0.05 -13.85
CA ASP A 92 22.72 -0.09 -12.59
C ASP A 92 22.21 0.89 -11.54
N ASP A 93 21.86 2.10 -11.97
CA ASP A 93 21.38 3.23 -11.19
C ASP A 93 20.14 3.77 -11.89
N PRO A 94 19.05 4.07 -11.18
CA PRO A 94 17.88 4.63 -11.88
C PRO A 94 18.28 5.89 -12.62
N VAL A 95 17.61 6.15 -13.75
CA VAL A 95 17.93 7.33 -14.55
C VAL A 95 17.75 8.60 -13.72
N THR A 96 16.85 8.55 -12.74
CA THR A 96 16.62 9.68 -11.85
C THR A 96 17.70 9.83 -10.78
N SER A 97 18.61 8.85 -10.67
CA SER A 97 19.75 8.88 -9.76
C SER A 97 19.37 8.51 -8.33
N ALA A 98 19.95 7.42 -7.81
CA ALA A 98 19.75 7.08 -6.40
C ALA A 98 20.23 8.21 -5.48
N ARG A 99 21.33 8.88 -5.85
CA ARG A 99 21.85 9.89 -4.94
C ARG A 99 20.93 11.11 -4.81
N LEU A 100 20.08 11.39 -5.79
CA LEU A 100 19.16 12.51 -5.69
C LEU A 100 17.78 12.14 -5.13
N LEU A 101 17.52 10.86 -4.83
CA LEU A 101 16.21 10.48 -4.30
C LEU A 101 15.79 11.27 -3.07
N PRO A 102 16.68 11.62 -2.13
CA PRO A 102 16.25 12.52 -1.04
C PRO A 102 15.71 13.84 -1.54
N ARG A 103 16.36 14.44 -2.54
CA ARG A 103 15.88 15.70 -3.07
C ARG A 103 14.58 15.52 -3.84
N TRP A 104 14.43 14.42 -4.56
CA TRP A 104 13.15 14.14 -5.22
C TRP A 104 12.01 14.08 -4.20
N ARG A 105 12.23 13.35 -3.10
CA ARG A 105 11.19 13.17 -2.10
C ARG A 105 10.84 14.49 -1.44
N GLU A 106 11.86 15.28 -1.09
CA GLU A 106 11.62 16.59 -0.49
C GLU A 106 10.85 17.48 -1.44
N ALA A 107 11.23 17.50 -2.72
CA ALA A 107 10.48 18.27 -3.71
C ALA A 107 9.02 17.84 -3.75
N ALA A 108 8.77 16.53 -3.68
CA ALA A 108 7.41 15.99 -3.79
C ALA A 108 6.53 16.38 -2.60
N GLU A 109 7.10 16.86 -1.51
CA GLU A 109 6.32 17.19 -0.32
C GLU A 109 6.01 18.67 -0.19
N LEU A 110 6.46 19.50 -1.14
CA LEU A 110 6.13 20.91 -1.05
C LEU A 110 4.64 21.13 -1.33
N PRO A 111 4.03 22.14 -0.71
CA PRO A 111 2.56 22.25 -0.75
C PRO A 111 1.96 22.61 -2.11
N GLN A 112 2.57 23.51 -2.90
CA GLN A 112 1.97 24.02 -4.14
C GLN A 112 2.65 23.41 -5.36
N LYS A 113 1.86 23.12 -6.40
CA LYS A 113 2.40 22.45 -7.59
C LYS A 113 3.52 23.26 -8.23
N ASN A 114 3.35 24.57 -8.34
CA ASN A 114 4.37 25.41 -8.95
C ASN A 114 5.69 25.33 -8.18
N GLN A 115 5.63 25.25 -6.84
CA GLN A 115 6.86 25.10 -6.07
C GLN A 115 7.49 23.74 -6.32
N ARG A 116 6.66 22.70 -6.49
CA ARG A 116 7.24 21.38 -6.76
C ARG A 116 7.92 21.34 -8.12
N LEU A 117 7.27 21.93 -9.14
CA LEU A 117 7.84 21.95 -10.48
C LEU A 117 9.18 22.66 -10.50
N GLU A 118 9.29 23.79 -9.79
CA GLU A 118 10.55 24.53 -9.78
C GLU A 118 11.63 23.74 -9.05
N LYS A 119 11.26 23.03 -8.00
CA LYS A 119 12.22 22.16 -7.31
C LYS A 119 12.60 20.97 -8.19
N TYR A 120 11.63 20.34 -8.87
CA TYR A 120 11.97 19.25 -9.79
C TYR A 120 12.97 19.73 -10.83
N LYS A 121 12.75 20.94 -11.36
CA LYS A 121 13.67 21.55 -12.31
C LYS A 121 15.09 21.63 -11.73
N ASP A 122 15.21 22.03 -10.45
CA ASP A 122 16.53 22.09 -9.82
C ASP A 122 17.17 20.71 -9.71
N VAL A 123 16.39 19.69 -9.33
CA VAL A 123 16.95 18.34 -9.20
C VAL A 123 17.42 17.83 -10.56
N ILE A 124 16.59 18.03 -11.59
CA ILE A 124 16.96 17.59 -12.93
C ILE A 124 18.26 18.26 -13.36
N GLY A 125 18.44 19.52 -12.95
CA GLY A 125 19.65 20.25 -13.26
C GLY A 125 20.91 19.66 -12.63
N CYS A 126 20.76 18.89 -11.55
CA CYS A 126 21.91 18.25 -10.92
C CYS A 126 22.24 16.89 -11.53
N LEU A 127 21.41 16.38 -12.44
CA LEU A 127 21.68 15.08 -13.05
C LEU A 127 22.82 15.18 -14.05
N PRO A 128 23.53 14.08 -14.28
CA PRO A 128 24.45 14.02 -15.42
C PRO A 128 23.72 14.25 -16.74
N ARG A 129 24.47 14.75 -17.73
CA ARG A 129 23.87 15.12 -19.01
C ARG A 129 23.09 13.97 -19.63
N VAL A 130 23.68 12.76 -19.69
CA VAL A 130 22.96 11.68 -20.36
C VAL A 130 21.64 11.39 -19.64
N ASN A 131 21.63 11.38 -18.29
CA ASN A 131 20.38 11.16 -17.55
C ASN A 131 19.35 12.22 -17.89
N ARG A 132 19.76 13.50 -17.84
CA ARG A 132 18.82 14.58 -18.12
C ARG A 132 18.22 14.44 -19.52
N ARG A 133 19.06 14.24 -20.54
CA ARG A 133 18.55 14.16 -21.91
C ARG A 133 17.67 12.91 -22.08
N THR A 134 18.06 11.79 -21.44
CA THR A 134 17.24 10.59 -21.52
C THR A 134 15.90 10.79 -20.81
N LEU A 135 15.93 11.38 -19.62
CA LEU A 135 14.69 11.67 -18.91
C LEU A 135 13.81 12.65 -19.69
N ALA A 136 14.40 13.69 -20.27
CA ALA A 136 13.62 14.65 -21.05
C ALA A 136 12.92 13.95 -22.21
N THR A 137 13.63 13.09 -22.93
CA THR A 137 13.03 12.39 -24.06
C THR A 137 11.89 11.48 -23.61
N LEU A 138 12.11 10.75 -22.51
CA LEU A 138 11.06 9.86 -22.01
C LEU A 138 9.83 10.66 -21.58
N ILE A 139 10.02 11.73 -20.81
CA ILE A 139 8.88 12.51 -20.32
C ILE A 139 8.14 13.16 -21.49
N GLY A 140 8.87 13.69 -22.48
CA GLY A 140 8.20 14.27 -23.64
C GLY A 140 7.40 13.24 -24.43
N HIS A 141 7.89 12.02 -24.48
CA HIS A 141 7.12 10.95 -25.10
C HIS A 141 5.85 10.65 -24.32
N LEU A 142 5.96 10.54 -22.99
CA LEU A 142 4.77 10.27 -22.19
C LEU A 142 3.78 11.43 -22.25
N TYR A 143 4.28 12.66 -22.34
CA TYR A 143 3.42 13.82 -22.57
C TYR A 143 2.58 13.64 -23.85
N ARG A 144 3.22 13.20 -24.95
CA ARG A 144 2.49 12.95 -26.19
C ARG A 144 1.48 11.81 -26.02
N VAL A 145 1.85 10.77 -25.26
CA VAL A 145 0.96 9.62 -25.09
C VAL A 145 -0.34 10.06 -24.44
N GLN A 146 -0.24 10.79 -23.32
CA GLN A 146 -1.44 11.15 -22.59
C GLN A 146 -2.27 12.17 -23.37
N LYS A 147 -1.66 12.94 -24.26
CA LYS A 147 -2.45 13.83 -25.10
C LYS A 147 -3.35 13.06 -26.06
N CYS A 148 -3.02 11.79 -26.33
CA CYS A 148 -3.84 10.92 -27.17
C CYS A 148 -4.67 9.95 -26.36
N ALA A 149 -4.91 10.25 -25.07
CA ALA A 149 -5.60 9.35 -24.18
C ALA A 149 -7.04 9.14 -24.57
N ALA A 150 -7.66 10.09 -25.28
CA ALA A 150 -9.00 9.86 -25.78
C ALA A 150 -9.06 8.58 -26.60
N LEU A 151 -7.95 8.25 -27.29
CA LEU A 151 -7.83 7.02 -28.06
C LEU A 151 -7.16 5.89 -27.28
N ASN A 152 -5.99 6.13 -26.66
CA ASN A 152 -5.25 5.03 -26.05
C ASN A 152 -5.64 4.77 -24.60
N GLN A 153 -6.42 5.66 -23.98
CA GLN A 153 -6.93 5.54 -22.62
C GLN A 153 -5.83 5.66 -21.56
N MET A 154 -4.68 6.21 -21.91
CA MET A 154 -3.55 6.29 -20.99
C MET A 154 -3.38 7.73 -20.53
N CYS A 155 -4.15 8.10 -19.50
CA CYS A 155 -4.01 9.40 -18.85
C CYS A 155 -2.71 9.44 -18.06
N THR A 156 -2.35 10.66 -17.63
CA THR A 156 -1.08 10.88 -16.95
C THR A 156 -0.96 10.04 -15.68
N ARG A 157 -2.04 9.96 -14.90
CA ARG A 157 -1.98 9.20 -13.66
C ARG A 157 -1.66 7.72 -13.90
N ASN A 158 -2.28 7.12 -14.92
CA ASN A 158 -2.02 5.72 -15.23
C ASN A 158 -0.58 5.52 -15.72
N LEU A 159 -0.10 6.40 -16.60
CA LEU A 159 1.27 6.28 -17.09
C LEU A 159 2.26 6.39 -15.94
N ALA A 160 2.01 7.31 -15.01
CA ALA A 160 2.92 7.47 -13.89
C ALA A 160 2.96 6.20 -13.04
N LEU A 161 1.80 5.58 -12.81
CA LEU A 161 1.80 4.33 -12.04
C LEU A 161 2.56 3.24 -12.77
N LEU A 162 2.46 3.18 -14.09
CA LEU A 162 3.10 2.10 -14.84
C LEU A 162 4.59 2.32 -15.03
N PHE A 163 5.04 3.56 -14.99
CA PHE A 163 6.44 3.89 -15.28
C PHE A 163 7.27 4.18 -14.05
N ALA A 164 6.65 4.66 -12.96
CA ALA A 164 7.45 5.01 -11.79
C ALA A 164 8.32 3.87 -11.28
N PRO A 165 7.83 2.61 -11.20
CA PRO A 165 8.72 1.51 -10.75
C PRO A 165 9.96 1.33 -11.61
N SER A 166 9.88 1.38 -12.93
CA SER A 166 11.12 1.18 -13.70
C SER A 166 11.97 2.45 -13.74
N VAL A 167 11.36 3.63 -13.78
CA VAL A 167 12.12 4.86 -13.90
C VAL A 167 12.89 5.15 -12.62
N PHE A 168 12.22 5.08 -11.47
CA PHE A 168 12.87 5.30 -10.17
C PHE A 168 13.45 4.03 -9.56
N GLN A 169 13.12 2.86 -10.12
CA GLN A 169 13.53 1.57 -9.56
C GLN A 169 13.03 1.42 -8.12
N THR A 170 11.72 1.62 -7.95
CA THR A 170 11.09 1.44 -6.66
C THR A 170 10.79 -0.04 -6.43
N ASP A 171 10.49 -0.38 -5.18
CA ASP A 171 10.05 -1.74 -4.87
C ASP A 171 8.82 -2.16 -5.67
N GLY A 172 7.99 -1.20 -6.08
CA GLY A 172 6.76 -1.49 -6.77
C GLY A 172 5.64 -0.66 -6.17
N ARG A 173 5.81 -0.30 -4.90
CA ARG A 173 4.94 0.62 -4.18
C ARG A 173 5.86 1.71 -3.65
N GLY A 174 6.01 2.78 -4.41
CA GLY A 174 6.79 3.93 -4.02
C GLY A 174 5.94 5.16 -4.23
N GLU A 175 5.42 5.72 -3.14
CA GLU A 175 4.36 6.71 -3.31
C GLU A 175 4.89 8.06 -3.79
N HIS A 176 6.05 8.51 -3.28
CA HIS A 176 6.58 9.80 -3.73
C HIS A 176 6.82 9.82 -5.24
N GLU A 177 7.41 8.73 -5.75
CA GLU A 177 7.87 8.67 -7.13
C GLU A 177 6.71 8.73 -8.11
N VAL A 178 5.56 8.13 -7.76
CA VAL A 178 4.40 8.24 -8.65
C VAL A 178 3.95 9.69 -8.78
N ARG A 179 3.94 10.44 -7.69
CA ARG A 179 3.56 11.86 -7.78
C ARG A 179 4.53 12.63 -8.67
N VAL A 180 5.84 12.43 -8.46
CA VAL A 180 6.85 13.15 -9.24
C VAL A 180 6.64 12.89 -10.72
N LEU A 181 6.53 11.62 -11.09
CA LEU A 181 6.41 11.28 -12.50
C LEU A 181 5.14 11.88 -13.10
N GLN A 182 4.02 11.78 -12.40
CA GLN A 182 2.79 12.38 -12.89
C GLN A 182 2.97 13.87 -13.11
N GLU A 183 3.60 14.55 -12.16
CA GLU A 183 3.76 15.99 -12.28
C GLU A 183 4.81 16.36 -13.31
N LEU A 184 5.84 15.52 -13.50
CA LEU A 184 6.79 15.80 -14.57
C LEU A 184 6.11 15.73 -15.93
N ILE A 185 5.26 14.72 -16.13
CA ILE A 185 4.57 14.55 -17.40
C ILE A 185 3.63 15.72 -17.64
N ASP A 186 2.74 16.00 -16.67
CA ASP A 186 1.80 17.11 -16.84
C ASP A 186 2.52 18.44 -16.98
N GLY A 187 3.63 18.62 -16.25
CA GLY A 187 4.40 19.85 -16.33
C GLY A 187 5.59 19.81 -17.28
N TYR A 188 5.56 18.89 -18.25
CA TYR A 188 6.70 18.69 -19.15
C TYR A 188 7.18 19.99 -19.79
N ILE A 189 6.25 20.79 -20.32
CA ILE A 189 6.66 21.98 -21.09
C ILE A 189 7.46 22.94 -20.21
N SER A 190 7.02 23.13 -18.97
CA SER A 190 7.66 24.03 -18.02
C SER A 190 8.97 23.45 -17.45
N VAL A 191 8.91 22.21 -16.96
CA VAL A 191 10.05 21.65 -16.24
C VAL A 191 11.26 21.52 -17.15
N PHE A 192 11.02 21.19 -18.42
CA PHE A 192 12.10 20.96 -19.38
C PHE A 192 12.27 22.11 -20.35
N ASP A 193 11.70 23.27 -20.04
CA ASP A 193 11.95 24.50 -20.82
C ASP A 193 11.73 24.25 -22.31
N ILE A 194 10.54 23.77 -22.63
CA ILE A 194 10.23 23.46 -24.02
C ILE A 194 9.76 24.76 -24.67
N ASP A 195 10.45 25.19 -25.72
CA ASP A 195 10.15 26.47 -26.34
C ASP A 195 8.88 26.39 -27.17
N SER A 196 8.37 27.57 -27.54
CA SER A 196 7.07 27.65 -28.21
C SER A 196 7.04 27.00 -29.59
N ASP A 197 8.21 26.84 -30.23
CA ASP A 197 8.22 26.15 -31.52
C ASP A 197 7.94 24.66 -31.35
N GLN A 198 8.55 24.03 -30.34
CA GLN A 198 8.29 22.63 -30.10
C GLN A 198 6.87 22.40 -29.61
N VAL A 199 6.31 23.35 -28.86
CA VAL A 199 4.92 23.23 -28.43
C VAL A 199 3.99 23.16 -29.63
N ALA A 200 4.26 23.99 -30.64
CA ALA A 200 3.47 23.96 -31.87
C ALA A 200 3.68 22.66 -32.63
N GLN A 201 4.94 22.24 -32.78
CA GLN A 201 5.24 21.00 -33.48
C GLN A 201 4.62 19.78 -32.80
N ILE A 202 4.53 19.81 -31.47
CA ILE A 202 3.90 18.69 -30.75
C ILE A 202 2.40 18.67 -31.03
N ASP A 203 1.75 19.84 -31.05
CA ASP A 203 0.31 19.92 -31.27
C ASP A 203 -0.12 19.11 -32.49
N LEU A 204 0.75 18.99 -33.49
CA LEU A 204 0.48 18.17 -34.66
C LEU A 204 0.43 16.68 -34.29
N ALA A 241 -20.35 -21.56 6.13
CA ALA A 241 -19.30 -21.54 7.15
C ALA A 241 -17.90 -21.58 6.54
N ILE A 242 -17.81 -22.10 5.32
CA ILE A 242 -16.54 -22.51 4.73
C ILE A 242 -15.85 -21.33 4.05
N ARG A 243 -14.65 -21.00 4.51
CA ARG A 243 -13.85 -19.90 3.97
C ARG A 243 -12.74 -20.48 3.09
N LYS A 244 -12.61 -19.94 1.87
CA LYS A 244 -11.61 -20.38 0.90
C LYS A 244 -10.97 -19.15 0.28
N LYS A 245 -9.69 -19.28 -0.08
CA LYS A 245 -8.93 -18.17 -0.62
C LYS A 245 -8.73 -18.34 -2.12
N LEU A 246 -9.09 -17.31 -2.89
CA LEU A 246 -8.91 -17.27 -4.33
C LEU A 246 -7.96 -16.15 -4.69
N VAL A 247 -6.98 -16.45 -5.54
CA VAL A 247 -6.07 -15.45 -6.11
C VAL A 247 -6.24 -15.45 -7.63
N ILE A 248 -6.23 -14.26 -8.24
CA ILE A 248 -6.37 -14.11 -9.68
C ILE A 248 -5.08 -13.53 -10.24
N VAL A 249 -4.58 -14.11 -11.34
CA VAL A 249 -3.35 -13.66 -12.00
C VAL A 249 -3.55 -13.67 -13.51
N GLY A 250 -2.65 -12.97 -14.19
CA GLY A 250 -2.71 -12.91 -15.64
C GLY A 250 -2.21 -11.57 -16.14
N ASP A 251 -2.02 -11.50 -17.45
CA ASP A 251 -1.34 -10.36 -18.06
C ASP A 251 -2.06 -9.05 -17.77
N GLY A 252 -1.30 -7.97 -17.84
CA GLY A 252 -1.88 -6.65 -17.67
C GLY A 252 -3.06 -6.38 -18.58
N ALA A 253 -4.09 -5.77 -17.99
CA ALA A 253 -5.28 -5.34 -18.68
C ALA A 253 -6.09 -6.50 -19.26
N CYS A 254 -5.84 -7.75 -18.85
CA CYS A 254 -6.64 -8.83 -19.44
C CYS A 254 -7.99 -8.98 -18.77
N GLY A 255 -8.32 -8.14 -17.79
CA GLY A 255 -9.64 -8.08 -17.21
C GLY A 255 -9.79 -8.64 -15.81
N LYS A 256 -8.70 -8.78 -15.04
CA LYS A 256 -8.78 -9.47 -13.76
C LYS A 256 -9.66 -8.71 -12.78
N THR A 257 -9.41 -7.41 -12.62
CA THR A 257 -10.13 -6.64 -11.60
C THR A 257 -11.61 -6.52 -11.95
N CYS A 258 -11.94 -6.26 -13.21
CA CYS A 258 -13.35 -6.19 -13.62
C CYS A 258 -14.06 -7.52 -13.35
N LEU A 259 -13.38 -8.65 -13.58
CA LEU A 259 -13.99 -9.93 -13.26
C LEU A 259 -14.31 -10.04 -11.77
N LEU A 260 -13.37 -9.64 -10.91
CA LEU A 260 -13.64 -9.68 -9.48
C LEU A 260 -14.77 -8.71 -9.12
N ILE A 261 -14.82 -7.55 -9.78
CA ILE A 261 -15.77 -6.50 -9.44
C ILE A 261 -17.19 -6.89 -9.84
N VAL A 262 -17.37 -7.35 -11.07
CA VAL A 262 -18.73 -7.63 -11.55
C VAL A 262 -19.34 -8.77 -10.73
N ASN A 263 -18.51 -9.72 -10.32
CA ASN A 263 -19.02 -10.81 -9.49
C ASN A 263 -19.41 -10.32 -8.10
N SER A 264 -18.59 -9.45 -7.51
CA SER A 264 -18.70 -9.10 -6.10
C SER A 264 -19.78 -8.05 -5.79
N ASN A 279 -8.33 -7.11 -2.47
CA ASN A 279 -9.05 -8.01 -1.57
C ASN A 279 -10.56 -7.72 -1.52
N TYR A 280 -11.36 -8.75 -1.83
CA TYR A 280 -12.83 -8.71 -1.76
C TYR A 280 -13.31 -10.01 -1.12
N VAL A 281 -14.62 -10.10 -0.88
CA VAL A 281 -15.23 -11.33 -0.40
C VAL A 281 -16.52 -11.54 -1.19
N ALA A 282 -16.73 -12.78 -1.63
CA ALA A 282 -17.95 -13.16 -2.30
C ALA A 282 -18.53 -14.37 -1.59
N ASP A 283 -19.84 -14.35 -1.39
CA ASP A 283 -20.56 -15.50 -0.83
C ASP A 283 -21.17 -16.25 -2.00
N ILE A 284 -20.77 -17.50 -2.16
CA ILE A 284 -21.21 -18.34 -3.26
C ILE A 284 -21.86 -19.58 -2.66
N GLU A 285 -22.93 -20.04 -3.28
CA GLU A 285 -23.55 -21.31 -2.94
C GLU A 285 -23.39 -22.24 -4.13
N VAL A 286 -22.75 -23.40 -3.91
CA VAL A 286 -22.60 -24.44 -4.93
C VAL A 286 -22.87 -25.79 -4.28
N ASP A 287 -23.66 -26.63 -4.95
CA ASP A 287 -23.92 -28.00 -4.50
C ASP A 287 -24.35 -28.03 -3.03
N GLY A 288 -25.20 -27.09 -2.65
CA GLY A 288 -25.72 -27.02 -1.30
C GLY A 288 -24.83 -26.31 -0.30
N LYS A 289 -23.54 -26.16 -0.59
CA LYS A 289 -22.57 -25.60 0.33
C LYS A 289 -22.47 -24.09 0.14
N GLN A 290 -22.47 -23.36 1.24
CA GLN A 290 -22.28 -21.92 1.25
C GLN A 290 -20.81 -21.66 1.54
N VAL A 291 -20.15 -20.91 0.65
CA VAL A 291 -18.72 -20.66 0.74
C VAL A 291 -18.46 -19.16 0.81
N GLU A 292 -17.66 -18.76 1.78
CA GLU A 292 -17.12 -17.40 1.82
C GLU A 292 -15.81 -17.38 1.05
N LEU A 293 -15.85 -16.89 -0.18
CA LEU A 293 -14.72 -16.89 -1.10
C LEU A 293 -13.95 -15.58 -0.95
N ALA A 294 -12.74 -15.65 -0.39
CA ALA A 294 -11.87 -14.48 -0.30
C ALA A 294 -11.13 -14.27 -1.63
N LEU A 295 -11.28 -13.08 -2.23
CA LEU A 295 -10.76 -12.79 -3.56
C LEU A 295 -9.55 -11.86 -3.45
N TRP A 296 -8.39 -12.33 -3.86
CA TRP A 296 -7.16 -11.54 -3.80
C TRP A 296 -6.75 -11.14 -5.21
N ASP A 297 -6.76 -9.84 -5.49
CA ASP A 297 -6.42 -9.29 -6.79
C ASP A 297 -4.91 -9.07 -6.87
N THR A 298 -4.34 -9.19 -8.07
CA THR A 298 -2.91 -8.97 -8.30
C THR A 298 -2.72 -8.21 -9.59
N ALA A 299 -1.56 -7.55 -9.72
CA ALA A 299 -1.27 -6.77 -10.91
C ALA A 299 -0.55 -7.63 -11.94
N GLY A 300 -0.83 -7.37 -13.22
CA GLY A 300 -0.26 -8.21 -14.27
C GLY A 300 1.14 -7.84 -14.71
N GLN A 301 1.57 -6.60 -14.45
CA GLN A 301 2.84 -6.09 -14.98
C GLN A 301 4.05 -6.70 -14.25
N GLU A 302 5.16 -6.80 -14.99
CA GLU A 302 6.42 -7.32 -14.46
C GLU A 302 6.89 -6.55 -13.25
N ASP A 303 6.62 -5.25 -13.20
CA ASP A 303 7.08 -4.39 -12.12
C ASP A 303 6.61 -4.87 -10.77
N TYR A 304 5.53 -5.67 -10.73
CA TYR A 304 4.97 -6.11 -9.46
C TYR A 304 5.30 -7.57 -9.18
N ASP A 305 6.27 -8.13 -9.92
CA ASP A 305 6.65 -9.53 -9.72
C ASP A 305 7.19 -9.77 -8.32
N ARG A 306 7.90 -8.78 -7.75
CA ARG A 306 8.45 -8.95 -6.41
C ARG A 306 7.37 -8.89 -5.33
N LEU A 307 6.31 -8.12 -5.56
CA LEU A 307 5.24 -7.96 -4.58
C LEU A 307 4.16 -9.02 -4.67
N ARG A 308 3.98 -9.62 -5.85
CA ARG A 308 2.89 -10.58 -6.02
C ARG A 308 2.98 -11.78 -5.08
N PRO A 309 4.16 -12.32 -4.76
CA PRO A 309 4.19 -13.49 -3.86
C PRO A 309 3.61 -13.25 -2.48
N LEU A 310 3.46 -11.99 -2.05
CA LEU A 310 2.73 -11.73 -0.82
C LEU A 310 1.31 -12.27 -0.87
N SER A 311 0.68 -12.28 -2.05
CA SER A 311 -0.71 -12.71 -2.17
C SER A 311 -0.88 -14.22 -2.18
N TYR A 312 0.17 -14.97 -2.50
CA TYR A 312 0.04 -16.41 -2.74
C TYR A 312 -0.15 -17.30 -1.51
N PRO A 313 0.43 -17.01 -0.34
CA PRO A 313 0.29 -17.97 0.79
C PRO A 313 -1.17 -18.28 1.10
N ASP A 314 -1.43 -19.56 1.39
CA ASP A 314 -2.73 -20.11 1.79
C ASP A 314 -3.77 -20.20 0.67
N THR A 315 -3.38 -19.96 -0.59
CA THR A 315 -4.36 -19.97 -1.67
C THR A 315 -5.00 -21.34 -1.82
N ASP A 316 -6.33 -21.36 -1.99
CA ASP A 316 -7.07 -22.61 -2.22
C ASP A 316 -7.43 -22.85 -3.69
N VAL A 317 -7.46 -21.80 -4.52
CA VAL A 317 -7.74 -21.94 -5.95
C VAL A 317 -7.18 -20.71 -6.65
N ILE A 318 -6.66 -20.93 -7.86
CA ILE A 318 -6.10 -19.88 -8.69
C ILE A 318 -7.01 -19.65 -9.89
N LEU A 319 -7.36 -18.38 -10.13
CA LEU A 319 -7.92 -17.98 -11.42
C LEU A 319 -6.74 -17.48 -12.24
N MET A 320 -6.39 -18.22 -13.29
CA MET A 320 -5.32 -17.79 -14.19
C MET A 320 -5.96 -17.29 -15.48
N CYS A 321 -5.82 -15.98 -15.74
CA CYS A 321 -6.58 -15.32 -16.78
C CYS A 321 -5.71 -14.97 -17.97
N PHE A 322 -6.32 -15.07 -19.16
CA PHE A 322 -5.84 -14.41 -20.36
C PHE A 322 -7.06 -13.74 -20.98
N SER A 323 -6.81 -12.87 -21.96
CA SER A 323 -7.90 -12.25 -22.70
C SER A 323 -8.03 -12.91 -24.06
N ILE A 324 -9.28 -13.23 -24.43
CA ILE A 324 -9.54 -13.84 -25.73
C ILE A 324 -9.16 -12.88 -26.87
N ASP A 325 -9.10 -11.58 -26.60
CA ASP A 325 -8.65 -10.64 -27.63
C ASP A 325 -7.12 -10.48 -27.67
N SER A 326 -6.38 -11.31 -26.94
CA SER A 326 -4.92 -11.19 -26.86
C SER A 326 -4.26 -12.56 -26.86
N PRO A 327 -3.92 -13.09 -28.04
CA PRO A 327 -3.10 -14.32 -28.10
C PRO A 327 -1.81 -14.22 -27.31
N ASP A 328 -1.20 -13.03 -27.23
CA ASP A 328 0.00 -12.89 -26.43
C ASP A 328 -0.28 -13.25 -24.97
N SER A 329 -1.44 -12.83 -24.44
CA SER A 329 -1.75 -13.14 -23.04
C SER A 329 -1.96 -14.63 -22.84
N LEU A 330 -2.51 -15.33 -23.84
CA LEU A 330 -2.56 -16.79 -23.76
C LEU A 330 -1.16 -17.38 -23.78
N GLU A 331 -0.29 -16.87 -24.65
CA GLU A 331 1.05 -17.44 -24.71
C GLU A 331 1.81 -17.21 -23.41
N ASN A 332 1.49 -16.15 -22.67
CA ASN A 332 2.14 -15.97 -21.38
C ASN A 332 1.61 -16.89 -20.29
N ILE A 333 0.53 -17.62 -20.55
CA ILE A 333 0.01 -18.57 -19.58
C ILE A 333 1.09 -19.63 -19.30
N PRO A 334 1.62 -20.39 -20.31
CA PRO A 334 2.70 -21.36 -20.00
C PRO A 334 4.04 -20.69 -19.77
N GLU A 335 4.28 -19.52 -20.39
CA GLU A 335 5.64 -18.96 -20.27
C GLU A 335 5.85 -18.26 -18.94
N LYS A 336 4.83 -17.61 -18.39
CA LYS A 336 5.04 -16.80 -17.19
C LYS A 336 4.16 -17.22 -16.02
N TRP A 337 2.84 -17.27 -16.19
CA TRP A 337 1.97 -17.41 -15.03
C TRP A 337 2.02 -18.81 -14.45
N THR A 338 2.07 -19.84 -15.31
CA THR A 338 2.10 -21.20 -14.80
C THR A 338 3.37 -21.50 -14.00
N PRO A 339 4.58 -21.17 -14.47
CA PRO A 339 5.75 -21.39 -13.61
C PRO A 339 5.70 -20.65 -12.29
N GLU A 340 5.26 -19.39 -12.29
CA GLU A 340 5.18 -18.65 -11.01
C GLU A 340 4.15 -19.28 -10.08
N VAL A 341 2.97 -19.60 -10.59
CA VAL A 341 1.91 -20.14 -9.73
C VAL A 341 2.30 -21.52 -9.19
N LYS A 342 2.87 -22.38 -10.04
CA LYS A 342 3.27 -23.69 -9.54
C LYS A 342 4.42 -23.60 -8.56
N HIS A 343 5.23 -22.55 -8.62
CA HIS A 343 6.31 -22.41 -7.64
C HIS A 343 5.75 -21.99 -6.28
N PHE A 344 4.85 -21.00 -6.26
CA PHE A 344 4.34 -20.49 -4.99
C PHE A 344 3.08 -21.19 -4.50
N CYS A 345 2.35 -21.86 -5.39
CA CYS A 345 1.08 -22.52 -5.02
C CYS A 345 1.09 -23.95 -5.52
N PRO A 346 2.04 -24.77 -5.06
CA PRO A 346 2.09 -26.16 -5.53
C PRO A 346 0.82 -26.91 -5.12
N ASN A 347 0.30 -27.71 -6.05
CA ASN A 347 -0.87 -28.56 -5.84
C ASN A 347 -2.13 -27.76 -5.56
N VAL A 348 -2.17 -26.49 -5.97
CA VAL A 348 -3.38 -25.68 -5.88
C VAL A 348 -4.09 -25.79 -7.22
N PRO A 349 -5.39 -26.09 -7.25
CA PRO A 349 -6.07 -26.21 -8.55
C PRO A 349 -6.14 -24.86 -9.26
N ILE A 350 -6.02 -24.90 -10.57
CA ILE A 350 -5.99 -23.74 -11.43
C ILE A 350 -7.23 -23.78 -12.33
N ILE A 351 -7.96 -22.68 -12.36
CA ILE A 351 -8.97 -22.46 -13.38
C ILE A 351 -8.36 -21.52 -14.42
N LEU A 352 -8.25 -22.00 -15.65
CA LEU A 352 -7.83 -21.17 -16.76
C LEU A 352 -9.04 -20.42 -17.29
N VAL A 353 -8.99 -19.09 -17.27
CA VAL A 353 -10.16 -18.28 -17.60
C VAL A 353 -9.84 -17.45 -18.83
N GLY A 354 -10.66 -17.60 -19.87
CA GLY A 354 -10.60 -16.70 -21.01
C GLY A 354 -11.56 -15.53 -20.84
N ASN A 355 -11.02 -14.33 -20.61
CA ASN A 355 -11.80 -13.13 -20.39
C ASN A 355 -12.18 -12.46 -21.71
N LYS A 356 -13.13 -11.52 -21.64
CA LYS A 356 -13.52 -10.66 -22.76
C LYS A 356 -14.02 -11.47 -23.94
N LYS A 357 -14.77 -12.53 -23.64
CA LYS A 357 -15.35 -13.39 -24.67
C LYS A 357 -16.21 -12.57 -25.66
N ASP A 358 -16.79 -11.45 -25.21
CA ASP A 358 -17.62 -10.62 -26.07
C ASP A 358 -16.84 -10.02 -27.23
N LEU A 359 -15.50 -10.04 -27.18
CA LEU A 359 -14.68 -9.49 -28.25
C LEU A 359 -14.27 -10.53 -29.29
N ARG A 360 -14.64 -11.81 -29.09
CA ARG A 360 -14.17 -12.87 -30.00
C ARG A 360 -14.61 -12.61 -31.44
N ASN A 361 -15.80 -12.06 -31.64
CA ASN A 361 -16.29 -11.78 -32.98
C ASN A 361 -16.49 -10.29 -33.20
N ASP A 362 -15.82 -9.46 -32.41
CA ASP A 362 -15.89 -8.01 -32.55
C ASP A 362 -15.05 -7.55 -33.73
N GLU A 363 -15.63 -6.69 -34.57
CA GLU A 363 -14.99 -6.33 -35.83
C GLU A 363 -13.70 -5.55 -35.60
N HIS A 364 -13.75 -4.56 -34.70
CA HIS A 364 -12.56 -3.78 -34.40
C HIS A 364 -11.43 -4.64 -33.84
N THR A 365 -11.76 -5.56 -32.91
CA THR A 365 -10.77 -6.47 -32.38
C THR A 365 -10.11 -7.31 -33.48
N ARG A 366 -10.93 -7.89 -34.34
CA ARG A 366 -10.42 -8.76 -35.39
C ARG A 366 -9.50 -7.99 -36.36
N ARG A 367 -9.82 -6.72 -36.62
CA ARG A 367 -9.00 -5.93 -37.53
C ARG A 367 -7.64 -5.61 -36.93
N GLU A 368 -7.61 -5.23 -35.65
CA GLU A 368 -6.33 -4.90 -35.03
C GLU A 368 -5.40 -6.11 -34.97
N LEU A 369 -5.92 -7.27 -34.56
CA LEU A 369 -5.09 -8.47 -34.49
C LEU A 369 -4.60 -8.91 -35.86
N ALA A 370 -5.40 -8.69 -36.92
CA ALA A 370 -4.96 -9.13 -38.24
C ALA A 370 -3.75 -8.34 -38.73
N LYS A 371 -3.59 -7.10 -38.28
CA LYS A 371 -2.40 -6.33 -38.66
C LYS A 371 -1.11 -7.07 -38.30
N MET A 372 -1.12 -7.81 -37.19
CA MET A 372 0.02 -8.62 -36.79
C MET A 372 -0.19 -10.10 -37.12
N LYS A 373 -1.13 -10.40 -38.01
CA LYS A 373 -1.42 -11.77 -38.46
C LYS A 373 -1.93 -12.65 -37.31
N GLN A 374 -2.66 -12.03 -36.38
CA GLN A 374 -3.26 -12.73 -35.26
C GLN A 374 -4.78 -12.68 -35.37
N GLU A 375 -5.43 -13.47 -34.52
CA GLU A 375 -6.88 -13.54 -34.45
C GLU A 375 -7.27 -13.87 -33.02
N PRO A 376 -8.53 -13.60 -32.63
CA PRO A 376 -8.93 -13.88 -31.25
C PRO A 376 -8.73 -15.34 -30.90
N VAL A 377 -8.43 -15.59 -29.62
CA VAL A 377 -8.25 -16.96 -29.15
C VAL A 377 -9.53 -17.75 -29.37
N LYS A 378 -9.39 -19.02 -29.95
CA LYS A 378 -10.51 -19.92 -30.16
C LYS A 378 -10.73 -20.79 -28.92
N PRO A 379 -11.98 -21.20 -28.67
CA PRO A 379 -12.26 -22.02 -27.48
C PRO A 379 -11.38 -23.25 -27.37
N GLU A 380 -11.12 -23.94 -28.48
CA GLU A 380 -10.27 -25.11 -28.44
C GLU A 380 -8.83 -24.75 -28.08
N GLU A 381 -8.36 -23.56 -28.43
CA GLU A 381 -7.01 -23.16 -28.05
C GLU A 381 -6.91 -22.99 -26.54
N GLY A 382 -7.93 -22.38 -25.90
CA GLY A 382 -7.91 -22.25 -24.45
C GLY A 382 -7.99 -23.60 -23.77
N ARG A 383 -8.84 -24.49 -24.28
CA ARG A 383 -9.00 -25.83 -23.71
C ARG A 383 -7.71 -26.63 -23.83
N ASP A 384 -7.09 -26.60 -25.01
CA ASP A 384 -5.79 -27.26 -25.16
C ASP A 384 -4.79 -26.71 -24.16
N MET A 385 -4.78 -25.39 -23.97
CA MET A 385 -3.83 -24.80 -23.03
C MET A 385 -4.14 -25.25 -21.62
N ALA A 386 -5.43 -25.33 -21.26
CA ALA A 386 -5.81 -25.79 -19.93
C ALA A 386 -5.29 -27.21 -19.68
N ASN A 387 -5.44 -28.09 -20.68
CA ASN A 387 -4.91 -29.45 -20.53
C ASN A 387 -3.40 -29.43 -20.43
N ARG A 388 -2.74 -28.62 -21.27
CA ARG A 388 -1.28 -28.56 -21.25
C ARG A 388 -0.73 -28.21 -19.87
N ILE A 389 -1.34 -27.25 -19.16
CA ILE A 389 -0.79 -26.82 -17.86
C ILE A 389 -1.33 -27.62 -16.69
N GLY A 390 -2.21 -28.59 -16.92
CA GLY A 390 -2.81 -29.33 -15.83
C GLY A 390 -3.86 -28.56 -15.06
N ALA A 391 -4.61 -27.68 -15.73
CA ALA A 391 -5.65 -26.92 -15.03
C ALA A 391 -6.80 -27.84 -14.60
N PHE A 392 -7.45 -27.46 -13.50
CA PHE A 392 -8.65 -28.16 -13.07
C PHE A 392 -9.74 -28.06 -14.14
N GLY A 393 -9.85 -26.90 -14.78
CA GLY A 393 -10.87 -26.74 -15.82
C GLY A 393 -10.57 -25.47 -16.59
N TYR A 394 -11.39 -25.24 -17.62
CA TYR A 394 -11.29 -24.09 -18.50
C TYR A 394 -12.64 -23.41 -18.57
N MET A 395 -12.65 -22.07 -18.58
CA MET A 395 -13.95 -21.39 -18.62
C MET A 395 -13.78 -20.03 -19.28
N GLU A 396 -14.74 -19.65 -20.11
CA GLU A 396 -14.68 -18.34 -20.76
C GLU A 396 -15.76 -17.44 -20.18
N CYS A 397 -15.52 -16.14 -20.23
CA CYS A 397 -16.50 -15.22 -19.66
C CYS A 397 -16.30 -13.83 -20.24
N SER A 398 -17.26 -12.97 -19.95
CA SER A 398 -17.21 -11.55 -20.27
C SER A 398 -17.71 -10.80 -19.04
N ALA A 399 -16.79 -10.14 -18.35
CA ALA A 399 -17.18 -9.24 -17.26
C ALA A 399 -18.09 -8.14 -17.78
N LYS A 400 -17.91 -7.72 -19.03
CA LYS A 400 -18.68 -6.62 -19.59
C LYS A 400 -20.17 -7.00 -19.71
N THR A 401 -20.47 -8.18 -20.24
CA THR A 401 -21.87 -8.62 -20.35
C THR A 401 -22.33 -9.48 -19.19
N LYS A 402 -21.42 -9.85 -18.28
CA LYS A 402 -21.58 -10.77 -17.17
C LYS A 402 -21.73 -12.22 -17.62
N ASP A 403 -21.76 -12.50 -18.92
CA ASP A 403 -21.95 -13.88 -19.38
C ASP A 403 -20.78 -14.75 -18.93
N GLY A 404 -21.10 -15.91 -18.33
CA GLY A 404 -20.09 -16.86 -17.90
C GLY A 404 -19.42 -16.52 -16.57
N VAL A 405 -19.72 -15.36 -15.98
CA VAL A 405 -19.03 -14.97 -14.75
C VAL A 405 -19.41 -15.90 -13.60
N ARG A 406 -20.70 -16.22 -13.46
CA ARG A 406 -21.10 -17.14 -12.39
C ARG A 406 -20.42 -18.50 -12.56
N GLU A 407 -20.36 -19.01 -13.79
CA GLU A 407 -19.75 -20.31 -14.02
C GLU A 407 -18.27 -20.30 -13.68
N VAL A 408 -17.58 -19.16 -13.85
CA VAL A 408 -16.16 -19.09 -13.47
C VAL A 408 -16.02 -19.32 -11.98
N PHE A 409 -16.73 -18.53 -11.17
CA PHE A 409 -16.57 -18.62 -9.74
C PHE A 409 -17.18 -19.89 -9.17
N GLU A 410 -18.20 -20.45 -9.82
CA GLU A 410 -18.72 -21.73 -9.34
C GLU A 410 -17.72 -22.84 -9.57
N MET A 411 -17.04 -22.85 -10.71
CA MET A 411 -16.03 -23.86 -10.94
C MET A 411 -14.85 -23.68 -9.99
N ALA A 412 -14.43 -22.44 -9.74
CA ALA A 412 -13.34 -22.21 -8.81
C ALA A 412 -13.69 -22.70 -7.42
N THR A 413 -14.95 -22.49 -7.02
CA THR A 413 -15.37 -22.88 -5.68
C THR A 413 -15.43 -24.40 -5.57
N ARG A 414 -15.96 -25.07 -6.60
CA ARG A 414 -15.94 -26.53 -6.61
C ARG A 414 -14.51 -27.06 -6.57
N ALA A 415 -13.60 -26.42 -7.31
CA ALA A 415 -12.20 -26.83 -7.27
C ALA A 415 -11.65 -26.67 -5.87
N ALA A 416 -11.93 -25.53 -5.24
CA ALA A 416 -11.42 -25.30 -3.89
C ALA A 416 -11.97 -26.33 -2.90
N LEU A 417 -13.16 -26.87 -3.16
CA LEU A 417 -13.81 -27.79 -2.21
C LEU A 417 -13.52 -29.26 -2.48
N GLN A 418 -12.94 -29.61 -3.63
CA GLN A 418 -12.70 -31.01 -3.99
C GLN A 418 -11.68 -31.66 -3.07
CA GLY B 10 23.71 2.44 25.12
C GLY B 10 22.34 2.07 24.57
N THR B 11 22.27 1.79 23.27
CA THR B 11 20.99 1.62 22.63
C THR B 11 20.79 0.22 22.01
N GLY B 12 21.75 -0.66 22.23
CA GLY B 12 21.60 -2.04 21.80
C GLY B 12 20.73 -2.83 22.77
N LEU B 13 20.08 -3.87 22.25
CA LEU B 13 19.26 -4.74 23.11
C LEU B 13 20.12 -5.37 24.20
N GLN B 14 21.35 -5.75 23.87
CA GLN B 14 22.19 -6.46 24.82
C GLN B 14 22.70 -5.53 25.93
N GLU B 15 22.66 -4.23 25.70
CA GLU B 15 23.19 -3.26 26.66
C GLU B 15 22.15 -2.78 27.67
N GLN B 16 20.94 -3.33 27.63
CA GLN B 16 19.86 -2.86 28.48
C GLN B 16 19.94 -3.47 29.87
N GLN B 17 19.40 -2.78 30.85
CA GLN B 17 19.22 -3.40 32.15
C GLN B 17 18.24 -4.56 32.01
N MET B 18 18.65 -5.73 32.52
CA MET B 18 17.96 -6.99 32.32
C MET B 18 17.29 -7.42 33.61
N SER B 19 16.10 -8.00 33.50
CA SER B 19 15.44 -8.59 34.65
C SER B 19 16.06 -9.95 34.97
N ARG B 20 15.66 -10.52 36.11
CA ARG B 20 16.09 -11.87 36.46
C ARG B 20 15.79 -12.88 35.35
N GLY B 21 14.74 -12.64 34.55
CA GLY B 21 14.35 -13.50 33.46
C GLY B 21 15.06 -13.26 32.14
N ASP B 22 16.11 -12.44 32.14
CA ASP B 22 16.97 -12.23 30.97
C ASP B 22 16.21 -11.56 29.81
N ILE B 23 15.33 -10.62 30.15
CA ILE B 23 14.81 -9.69 29.13
C ILE B 23 15.00 -8.28 29.67
N PRO B 24 14.98 -7.27 28.81
CA PRO B 24 15.14 -5.90 29.29
C PRO B 24 14.04 -5.51 30.28
N ILE B 25 14.44 -4.79 31.33
CA ILE B 25 13.51 -4.36 32.37
C ILE B 25 12.40 -3.50 31.78
N ILE B 26 12.74 -2.60 30.84
CA ILE B 26 11.74 -1.77 30.19
C ILE B 26 10.61 -2.64 29.63
N VAL B 27 10.98 -3.70 28.91
CA VAL B 27 9.99 -4.59 28.31
C VAL B 27 9.21 -5.32 29.40
N ASP B 28 9.93 -5.83 30.41
CA ASP B 28 9.29 -6.51 31.53
C ASP B 28 8.31 -5.61 32.26
N ALA B 29 8.74 -4.40 32.61
CA ALA B 29 7.87 -3.49 33.38
C ALA B 29 6.66 -3.04 32.58
N CYS B 30 6.86 -2.69 31.30
CA CYS B 30 5.72 -2.25 30.50
C CYS B 30 4.73 -3.37 30.27
N ILE B 31 5.21 -4.57 29.94
CA ILE B 31 4.30 -5.66 29.65
C ILE B 31 3.53 -6.05 30.92
N SER B 32 4.22 -6.09 32.06
CA SER B 32 3.56 -6.41 33.33
C SER B 32 2.43 -5.43 33.63
N PHE B 33 2.73 -4.14 33.52
CA PHE B 33 1.73 -3.11 33.82
C PHE B 33 0.52 -3.24 32.90
N VAL B 34 0.75 -3.40 31.60
CA VAL B 34 -0.37 -3.50 30.66
C VAL B 34 -1.16 -4.77 30.93
N THR B 35 -0.47 -5.87 31.27
CA THR B 35 -1.16 -7.10 31.62
C THR B 35 -2.07 -6.89 32.82
N GLN B 36 -1.61 -6.09 33.79
CA GLN B 36 -2.36 -5.88 35.03
C GLN B 36 -3.46 -4.84 34.90
N HIS B 37 -3.27 -3.80 34.09
CA HIS B 37 -4.17 -2.67 34.12
C HIS B 37 -4.66 -2.25 32.73
N GLY B 38 -4.40 -3.03 31.69
CA GLY B 38 -4.69 -2.55 30.36
C GLY B 38 -5.41 -3.48 29.41
N LEU B 39 -5.58 -4.75 29.79
CA LEU B 39 -6.14 -5.72 28.86
C LEU B 39 -7.61 -5.47 28.54
N ARG B 40 -8.30 -4.67 29.35
CA ARG B 40 -9.69 -4.33 29.09
C ARG B 40 -9.85 -3.01 28.35
N LEU B 41 -8.79 -2.20 28.30
CA LEU B 41 -8.83 -0.91 27.62
C LEU B 41 -9.15 -1.09 26.14
N GLU B 42 -10.22 -0.46 25.68
CA GLU B 42 -10.56 -0.55 24.27
C GLU B 42 -9.50 0.14 23.43
N GLY B 43 -9.03 -0.54 22.39
CA GLY B 43 -7.98 0.05 21.58
C GLY B 43 -6.60 0.07 22.20
N VAL B 44 -6.32 -0.75 23.22
CA VAL B 44 -4.98 -0.81 23.77
C VAL B 44 -3.99 -1.13 22.63
N TYR B 45 -2.86 -0.41 22.61
CA TYR B 45 -1.77 -0.41 21.63
C TYR B 45 -2.15 0.34 20.35
N ARG B 46 -3.41 0.68 20.12
CA ARG B 46 -3.77 1.57 19.01
C ARG B 46 -3.83 3.03 19.45
N LYS B 47 -4.38 3.28 20.63
CA LYS B 47 -4.38 4.60 21.22
C LYS B 47 -3.01 4.89 21.83
N GLY B 48 -2.61 6.16 21.77
CA GLY B 48 -1.35 6.61 22.31
C GLY B 48 -1.60 7.62 23.41
N GLY B 49 -0.53 7.95 24.14
CA GLY B 49 -0.64 8.90 25.23
C GLY B 49 -0.41 10.32 24.78
N ALA B 50 -0.52 11.24 25.71
CA ALA B 50 -0.10 12.60 25.43
C ALA B 50 1.40 12.59 25.14
N ARG B 51 1.79 13.24 24.04
CA ARG B 51 3.17 13.10 23.53
C ARG B 51 4.21 13.45 24.59
N ALA B 52 4.15 14.68 25.12
CA ALA B 52 5.20 15.14 26.02
C ALA B 52 5.27 14.26 27.27
N ARG B 53 4.12 13.99 27.88
CA ARG B 53 4.08 13.17 29.09
C ARG B 53 4.65 11.77 28.82
N SER B 54 4.25 11.14 27.70
CA SER B 54 4.74 9.79 27.45
C SER B 54 6.23 9.78 27.11
N LEU B 55 6.76 10.83 26.47
CA LEU B 55 8.20 10.86 26.19
C LEU B 55 8.99 11.05 27.48
N ARG B 56 8.42 11.70 28.49
CA ARG B 56 9.08 11.79 29.79
C ARG B 56 9.23 10.41 30.42
N LEU B 57 8.16 9.59 30.35
CA LEU B 57 8.25 8.24 30.90
C LEU B 57 9.36 7.43 30.22
N LEU B 58 9.47 7.52 28.89
CA LEU B 58 10.54 6.81 28.18
C LEU B 58 11.92 7.28 28.64
N ALA B 59 12.10 8.60 28.76
CA ALA B 59 13.39 9.14 29.18
C ALA B 59 13.76 8.66 30.57
N GLU B 60 12.76 8.53 31.47
CA GLU B 60 13.00 7.94 32.78
C GLU B 60 13.48 6.50 32.66
N PHE B 61 12.86 5.71 31.77
CA PHE B 61 13.30 4.34 31.55
C PHE B 61 14.73 4.31 31.00
N ARG B 62 15.06 5.25 30.10
CA ARG B 62 16.43 5.32 29.57
C ARG B 62 17.43 5.69 30.67
N ARG B 63 17.03 6.54 31.62
CA ARG B 63 17.96 6.96 32.65
C ARG B 63 18.32 5.80 33.58
N ASP B 64 17.31 5.09 34.09
CA ASP B 64 17.55 4.03 35.08
C ASP B 64 16.29 3.14 35.17
N ALA B 65 16.23 2.12 34.30
CA ALA B 65 14.99 1.38 34.12
C ALA B 65 14.52 0.70 35.41
N ARG B 66 15.47 0.18 36.21
CA ARG B 66 15.06 -0.56 37.41
C ARG B 66 14.46 0.33 38.49
N SER B 67 14.64 1.65 38.39
CA SER B 67 14.06 2.58 39.36
C SER B 67 12.62 2.99 39.03
N VAL B 68 12.16 2.73 37.81
CA VAL B 68 10.82 3.14 37.39
C VAL B 68 9.80 2.14 37.93
N LYS B 69 8.86 2.62 38.74
CA LYS B 69 7.78 1.81 39.26
C LYS B 69 6.46 2.32 38.70
N LEU B 70 5.88 1.56 37.78
CA LEU B 70 4.62 1.96 37.16
C LEU B 70 3.48 1.60 38.09
N ARG B 71 2.62 2.59 38.36
CA ARG B 71 1.57 2.45 39.36
C ARG B 71 0.23 2.84 38.76
N PRO B 72 -0.81 2.04 38.96
CA PRO B 72 -2.13 2.44 38.47
C PRO B 72 -2.57 3.73 39.12
N GLY B 73 -3.30 4.55 38.36
CA GLY B 73 -3.67 5.88 38.78
C GLY B 73 -2.58 6.93 38.62
N GLU B 74 -1.32 6.53 38.55
CA GLU B 74 -0.22 7.46 38.33
C GLU B 74 0.28 7.46 36.88
N HIS B 75 0.41 6.27 36.27
CA HIS B 75 0.92 6.15 34.91
C HIS B 75 -0.21 5.71 33.98
N PHE B 76 -0.24 6.32 32.80
CA PHE B 76 -1.27 6.01 31.83
C PHE B 76 -0.89 4.77 31.02
N VAL B 77 -1.86 3.88 30.85
CA VAL B 77 -1.64 2.67 30.06
C VAL B 77 -1.16 3.03 28.66
N GLU B 78 -1.74 4.08 28.08
CA GLU B 78 -1.35 4.48 26.73
C GLU B 78 0.07 5.02 26.68
N ASP B 79 0.55 5.63 27.77
CA ASP B 79 1.96 6.03 27.82
C ASP B 79 2.88 4.81 27.82
N VAL B 80 2.45 3.77 28.53
CA VAL B 80 3.26 2.57 28.67
C VAL B 80 3.28 1.78 27.36
N THR B 81 2.13 1.65 26.71
CA THR B 81 2.09 0.99 25.42
C THR B 81 2.94 1.76 24.41
N ASP B 82 2.91 3.10 24.49
CA ASP B 82 3.77 3.89 23.62
C ASP B 82 5.25 3.61 23.90
N THR B 83 5.60 3.49 25.18
CA THR B 83 6.99 3.24 25.55
C THR B 83 7.46 1.90 25.01
N LEU B 84 6.62 0.87 25.12
CA LEU B 84 7.00 -0.46 24.66
C LEU B 84 7.29 -0.45 23.15
N LYS B 85 6.42 0.19 22.35
CA LYS B 85 6.64 0.25 20.91
C LYS B 85 7.86 1.09 20.55
N ARG B 86 8.04 2.23 21.24
CA ARG B 86 9.22 3.06 21.00
C ARG B 86 10.50 2.32 21.36
N PHE B 87 10.49 1.53 22.44
CA PHE B 87 11.66 0.72 22.77
C PHE B 87 12.09 -0.17 21.61
N PHE B 88 11.14 -0.87 21.00
CA PHE B 88 11.50 -1.79 19.92
C PHE B 88 11.92 -1.01 18.67
N ARG B 89 11.26 0.12 18.42
CA ARG B 89 11.56 0.92 17.23
C ARG B 89 12.96 1.54 17.29
N GLU B 90 13.46 1.86 18.47
CA GLU B 90 14.69 2.62 18.60
C GLU B 90 15.92 1.77 18.92
N LEU B 91 15.77 0.45 18.99
CA LEU B 91 16.93 -0.44 19.15
C LEU B 91 17.91 -0.27 17.98
N ASP B 92 19.21 -0.42 18.28
CA ASP B 92 20.24 -0.35 17.23
C ASP B 92 19.94 -1.32 16.10
N ASP B 93 19.50 -2.52 16.45
CA ASP B 93 19.18 -3.56 15.50
C ASP B 93 17.80 -4.05 15.92
N PRO B 94 16.86 -4.23 14.99
CA PRO B 94 15.54 -4.75 15.38
C PRO B 94 15.68 -6.06 16.12
N VAL B 95 14.73 -6.31 17.04
CA VAL B 95 14.82 -7.52 17.86
C VAL B 95 14.81 -8.76 16.99
N THR B 96 14.20 -8.66 15.80
CA THR B 96 14.13 -9.74 14.82
C THR B 96 15.41 -9.89 14.01
N SER B 97 16.36 -8.96 14.15
CA SER B 97 17.69 -8.96 13.54
C SER B 97 17.65 -8.54 12.07
N ALA B 98 18.32 -7.43 11.73
CA ALA B 98 18.40 -7.03 10.33
C ALA B 98 19.04 -8.12 9.49
N ARG B 99 20.01 -8.83 10.07
CA ARG B 99 20.69 -9.92 9.38
C ARG B 99 19.71 -10.97 8.86
N LEU B 100 18.65 -11.24 9.62
CA LEU B 100 17.76 -12.35 9.29
C LEU B 100 16.54 -11.94 8.48
N LEU B 101 16.38 -10.66 8.15
CA LEU B 101 15.21 -10.22 7.41
C LEU B 101 15.00 -11.00 6.10
N PRO B 102 16.03 -11.34 5.32
CA PRO B 102 15.77 -12.18 4.13
C PRO B 102 15.12 -13.52 4.45
N ARG B 103 15.56 -14.20 5.52
CA ARG B 103 14.95 -15.47 5.91
C ARG B 103 13.52 -15.27 6.43
N TRP B 104 13.28 -14.18 7.17
CA TRP B 104 11.92 -13.86 7.59
C TRP B 104 11.00 -13.70 6.38
N ARG B 105 11.44 -12.94 5.36
CA ARG B 105 10.61 -12.71 4.18
C ARG B 105 10.38 -14.00 3.42
N GLU B 106 11.41 -14.82 3.28
CA GLU B 106 11.28 -16.11 2.60
C GLU B 106 10.30 -17.03 3.34
N ALA B 107 10.43 -17.11 4.67
CA ALA B 107 9.48 -17.90 5.45
C ALA B 107 8.05 -17.41 5.20
N ALA B 108 7.85 -16.10 5.17
CA ALA B 108 6.51 -15.53 5.02
C ALA B 108 5.87 -15.86 3.68
N GLU B 109 6.64 -16.32 2.69
CA GLU B 109 6.11 -16.59 1.36
C GLU B 109 5.82 -18.07 1.11
N LEU B 110 6.07 -18.94 2.08
CA LEU B 110 5.76 -20.35 1.91
C LEU B 110 4.25 -20.56 1.93
N PRO B 111 3.76 -21.57 1.20
CA PRO B 111 2.31 -21.67 0.96
C PRO B 111 1.47 -22.04 2.19
N GLN B 112 1.93 -22.95 3.04
CA GLN B 112 1.07 -23.47 4.09
C GLN B 112 1.43 -22.86 5.45
N LYS B 113 0.39 -22.60 6.25
CA LYS B 113 0.60 -21.93 7.54
C LYS B 113 1.53 -22.72 8.44
N ASN B 114 1.37 -24.05 8.49
CA ASN B 114 2.19 -24.82 9.41
C ASN B 114 3.64 -24.91 8.96
N GLN B 115 3.91 -24.93 7.65
CA GLN B 115 5.31 -24.86 7.25
C GLN B 115 5.90 -23.46 7.46
N ARG B 116 5.08 -22.40 7.38
CA ARG B 116 5.61 -21.08 7.75
C ARG B 116 5.95 -21.04 9.24
N LEU B 117 5.06 -21.58 10.10
CA LEU B 117 5.34 -21.57 11.54
C LEU B 117 6.63 -22.32 11.86
N GLU B 118 6.84 -23.48 11.23
CA GLU B 118 8.06 -24.25 11.47
C GLU B 118 9.29 -23.52 10.95
N LYS B 119 9.16 -22.80 9.84
CA LYS B 119 10.29 -21.99 9.38
C LYS B 119 10.56 -20.80 10.31
N TYR B 120 9.51 -20.12 10.79
CA TYR B 120 9.70 -19.06 11.78
C TYR B 120 10.50 -19.59 12.99
N LYS B 121 10.16 -20.80 13.44
CA LYS B 121 10.90 -21.46 14.52
C LYS B 121 12.39 -21.57 14.21
N ASP B 122 12.74 -21.95 12.98
CA ASP B 122 14.14 -22.04 12.61
C ASP B 122 14.82 -20.68 12.62
N VAL B 123 14.15 -19.66 12.09
CA VAL B 123 14.74 -18.32 12.11
C VAL B 123 14.92 -17.86 13.55
N ILE B 124 13.92 -18.10 14.40
CA ILE B 124 14.02 -17.67 15.79
C ILE B 124 15.19 -18.34 16.48
N GLY B 125 15.47 -19.60 16.11
CA GLY B 125 16.60 -20.32 16.68
C GLY B 125 17.95 -19.72 16.34
N CYS B 126 18.03 -18.96 15.26
CA CYS B 126 19.26 -18.28 14.89
C CYS B 126 19.42 -16.92 15.57
N LEU B 127 18.44 -16.49 16.36
CA LEU B 127 18.58 -15.24 17.07
C LEU B 127 19.44 -15.43 18.32
N PRO B 128 20.14 -14.37 18.76
CA PRO B 128 20.75 -14.41 20.10
C PRO B 128 19.68 -14.58 21.17
N ARG B 129 20.07 -15.18 22.30
CA ARG B 129 19.08 -15.64 23.27
C ARG B 129 18.27 -14.51 23.88
N VAL B 130 18.88 -13.32 24.04
CA VAL B 130 18.11 -12.19 24.58
C VAL B 130 17.00 -11.80 23.61
N ASN B 131 17.31 -11.80 22.30
CA ASN B 131 16.30 -11.54 21.27
C ASN B 131 15.17 -12.55 21.35
N ARG B 132 15.51 -13.84 21.46
CA ARG B 132 14.49 -14.89 21.54
C ARG B 132 13.59 -14.68 22.74
N ARG B 133 14.18 -14.51 23.93
CA ARG B 133 13.33 -14.37 25.10
C ARG B 133 12.50 -13.10 25.05
N THR B 134 13.09 -12.00 24.53
CA THR B 134 12.36 -10.75 24.43
C THR B 134 11.22 -10.86 23.42
N LEU B 135 11.48 -11.48 22.27
CA LEU B 135 10.44 -11.70 21.29
C LEU B 135 9.36 -12.61 21.85
N ALA B 136 9.77 -13.69 22.52
CA ALA B 136 8.80 -14.61 23.11
C ALA B 136 7.90 -13.89 24.10
N THR B 137 8.50 -13.04 24.95
CA THR B 137 7.73 -12.29 25.95
C THR B 137 6.73 -11.36 25.27
N LEU B 138 7.17 -10.64 24.24
CA LEU B 138 6.27 -9.76 23.52
C LEU B 138 5.16 -10.55 22.85
N ILE B 139 5.50 -11.65 22.16
CA ILE B 139 4.48 -12.41 21.43
C ILE B 139 3.48 -13.03 22.40
N GLY B 140 3.95 -13.56 23.52
CA GLY B 140 3.03 -14.11 24.52
C GLY B 140 2.11 -13.07 25.12
N HIS B 141 2.62 -11.85 25.30
CA HIS B 141 1.77 -10.74 25.76
C HIS B 141 0.71 -10.40 24.72
N LEU B 142 1.13 -10.28 23.46
CA LEU B 142 0.16 -9.95 22.42
C LEU B 142 -0.85 -11.06 22.24
N TYR B 143 -0.42 -12.32 22.40
CA TYR B 143 -1.35 -13.44 22.42
C TYR B 143 -2.42 -13.22 23.47
N ARG B 144 -2.02 -12.84 24.70
CA ARG B 144 -3.00 -12.61 25.76
C ARG B 144 -3.93 -11.44 25.42
N VAL B 145 -3.40 -10.39 24.77
CA VAL B 145 -4.22 -9.21 24.45
C VAL B 145 -5.37 -9.60 23.52
N GLN B 146 -5.05 -10.27 22.42
CA GLN B 146 -6.08 -10.63 21.44
C GLN B 146 -7.06 -11.66 21.98
N LYS B 147 -6.66 -12.48 22.96
CA LYS B 147 -7.64 -13.34 23.63
C LYS B 147 -8.67 -12.53 24.40
N CYS B 148 -8.36 -11.26 24.70
CA CYS B 148 -9.29 -10.37 25.37
C CYS B 148 -9.96 -9.39 24.41
N ALA B 149 -9.94 -9.71 23.12
CA ALA B 149 -10.44 -8.77 22.12
C ALA B 149 -11.93 -8.50 22.27
N ALA B 150 -12.68 -9.43 22.89
CA ALA B 150 -14.09 -9.18 23.17
C ALA B 150 -14.28 -7.88 23.95
N LEU B 151 -13.33 -7.54 24.81
CA LEU B 151 -13.35 -6.29 25.59
C LEU B 151 -12.54 -5.19 24.94
N ASN B 152 -11.27 -5.46 24.58
CA ASN B 152 -10.37 -4.42 24.10
C ASN B 152 -10.44 -4.23 22.59
N GLN B 153 -11.12 -5.11 21.85
CA GLN B 153 -11.33 -4.99 20.40
C GLN B 153 -10.04 -5.14 19.57
N MET B 154 -8.96 -5.68 20.14
CA MET B 154 -7.67 -5.76 19.45
C MET B 154 -7.43 -7.20 19.02
N CYS B 155 -7.93 -7.52 17.84
CA CYS B 155 -7.66 -8.81 17.24
C CYS B 155 -6.20 -8.88 16.76
N THR B 156 -5.78 -10.10 16.43
CA THR B 156 -4.39 -10.35 16.06
C THR B 156 -3.96 -9.50 14.86
N ARG B 157 -4.84 -9.35 13.88
CA ARG B 157 -4.49 -8.59 12.67
C ARG B 157 -4.17 -7.14 13.02
N ASN B 158 -4.98 -6.52 13.88
CA ASN B 158 -4.74 -5.14 14.26
C ASN B 158 -3.45 -4.99 15.04
N LEU B 159 -3.18 -5.92 15.96
CA LEU B 159 -1.95 -5.85 16.73
C LEU B 159 -0.74 -5.99 15.82
N ALA B 160 -0.83 -6.88 14.84
CA ALA B 160 0.27 -7.09 13.90
C ALA B 160 0.55 -5.83 13.09
N LEU B 161 -0.51 -5.16 12.63
CA LEU B 161 -0.31 -3.92 11.89
C LEU B 161 0.32 -2.83 12.78
N LEU B 162 -0.06 -2.82 14.07
CA LEU B 162 0.44 -1.78 14.96
C LEU B 162 1.86 -2.04 15.44
N PHE B 163 2.29 -3.30 15.50
CA PHE B 163 3.57 -3.63 16.09
C PHE B 163 4.66 -3.92 15.06
N ALA B 164 4.30 -4.41 13.88
CA ALA B 164 5.33 -4.77 12.91
C ALA B 164 6.27 -3.63 12.59
N PRO B 165 5.82 -2.38 12.41
CA PRO B 165 6.79 -1.30 12.15
C PRO B 165 7.84 -1.16 13.24
N SER B 166 7.45 -1.24 14.52
CA SER B 166 8.44 -1.10 15.59
C SER B 166 9.27 -2.37 15.76
N VAL B 167 8.65 -3.55 15.63
CA VAL B 167 9.36 -4.78 15.92
C VAL B 167 10.41 -5.06 14.86
N PHE B 168 10.03 -4.97 13.58
CA PHE B 168 10.95 -5.20 12.49
C PHE B 168 11.70 -3.95 12.04
N GLN B 169 11.28 -2.77 12.52
CA GLN B 169 11.83 -1.48 12.10
C GLN B 169 11.68 -1.28 10.59
N THR B 170 10.45 -1.47 10.11
CA THR B 170 10.15 -1.27 8.70
C THR B 170 9.90 0.20 8.39
N ASP B 171 9.92 0.53 7.10
CA ASP B 171 9.61 1.88 6.64
C ASP B 171 8.22 2.33 7.07
N GLY B 172 7.29 1.40 7.27
CA GLY B 172 5.93 1.75 7.61
C GLY B 172 4.93 0.95 6.82
N ARG B 173 5.34 0.51 5.63
CA ARG B 173 4.56 -0.41 4.80
C ARG B 173 5.50 -1.58 4.51
N GLY B 174 5.43 -2.59 5.37
CA GLY B 174 6.19 -3.80 5.15
C GLY B 174 5.25 -4.97 5.30
N GLU B 175 4.80 -5.52 4.17
CA GLU B 175 3.68 -6.46 4.18
C GLU B 175 4.13 -7.83 4.70
N HIS B 176 5.36 -8.26 4.35
CA HIS B 176 5.84 -9.54 4.88
C HIS B 176 5.83 -9.52 6.39
N GLU B 177 6.28 -8.41 6.98
CA GLU B 177 6.48 -8.33 8.42
C GLU B 177 5.17 -8.37 9.16
N VAL B 178 4.12 -7.76 8.60
CA VAL B 178 2.81 -7.85 9.20
C VAL B 178 2.33 -9.29 9.22
N ARG B 179 2.55 -10.02 8.11
CA ARG B 179 2.13 -11.43 8.07
C ARG B 179 2.87 -12.25 9.12
N VAL B 180 4.19 -12.08 9.22
CA VAL B 180 4.98 -12.82 10.21
C VAL B 180 4.43 -12.56 11.61
N LEU B 181 4.28 -11.28 11.97
CA LEU B 181 3.84 -10.94 13.31
C LEU B 181 2.46 -11.51 13.59
N GLN B 182 1.54 -11.37 12.65
CA GLN B 182 0.22 -11.96 12.83
C GLN B 182 0.31 -13.46 13.09
N GLU B 183 1.14 -14.15 12.32
CA GLU B 183 1.22 -15.59 12.45
C GLU B 183 1.99 -16.03 13.69
N LEU B 184 2.97 -15.24 14.14
CA LEU B 184 3.62 -15.54 15.42
C LEU B 184 2.63 -15.43 16.56
N ILE B 185 1.78 -14.40 16.54
CA ILE B 185 0.80 -14.23 17.61
C ILE B 185 -0.20 -15.38 17.59
N ASP B 186 -0.81 -15.64 16.43
CA ASP B 186 -1.78 -16.74 16.33
C ASP B 186 -1.12 -18.09 16.62
N GLY B 187 0.13 -18.28 16.21
CA GLY B 187 0.84 -19.52 16.45
C GLY B 187 1.73 -19.52 17.69
N TYR B 188 1.46 -18.62 18.64
CA TYR B 188 2.32 -18.46 19.81
C TYR B 188 2.57 -19.78 20.54
N ILE B 189 1.49 -20.55 20.81
CA ILE B 189 1.64 -21.78 21.59
C ILE B 189 2.56 -22.76 20.88
N SER B 190 2.40 -22.89 19.57
CA SER B 190 3.21 -23.85 18.82
C SER B 190 4.63 -23.34 18.61
N VAL B 191 4.76 -22.08 18.19
CA VAL B 191 6.07 -21.56 17.78
C VAL B 191 7.04 -21.52 18.96
N PHE B 192 6.54 -21.21 20.17
CA PHE B 192 7.42 -21.06 21.33
C PHE B 192 7.33 -22.22 22.30
N ASP B 193 6.78 -23.36 21.87
CA ASP B 193 6.80 -24.60 22.65
C ASP B 193 6.25 -24.40 24.06
N ILE B 194 5.04 -23.87 24.12
CA ILE B 194 4.37 -23.57 25.38
C ILE B 194 3.62 -24.81 25.88
N ASP B 195 3.93 -25.25 27.10
CA ASP B 195 3.33 -26.48 27.57
C ASP B 195 1.88 -26.25 27.98
N SER B 196 1.13 -27.35 28.09
CA SER B 196 -0.31 -27.26 28.36
C SER B 196 -0.62 -26.69 29.73
N ASP B 197 0.33 -26.72 30.67
CA ASP B 197 0.10 -26.07 31.96
C ASP B 197 0.03 -24.56 31.80
N GLN B 198 0.90 -23.98 30.97
CA GLN B 198 0.85 -22.55 30.69
C GLN B 198 -0.37 -22.18 29.86
N VAL B 199 -0.78 -23.07 28.95
CA VAL B 199 -2.03 -22.84 28.20
C VAL B 199 -3.21 -22.81 29.15
N ALA B 200 -3.21 -23.70 30.14
CA ALA B 200 -4.29 -23.73 31.13
C ALA B 200 -4.29 -22.45 31.97
N GLN B 201 -3.12 -22.03 32.44
CA GLN B 201 -3.05 -20.83 33.27
C GLN B 201 -3.49 -19.60 32.50
N ILE B 202 -3.12 -19.50 31.22
CA ILE B 202 -3.52 -18.34 30.44
C ILE B 202 -5.02 -18.40 30.15
N ASP B 203 -5.51 -19.55 29.70
CA ASP B 203 -6.94 -19.68 29.41
C ASP B 203 -7.79 -19.39 30.63
N LEU B 204 -7.33 -19.83 31.80
CA LEU B 204 -8.04 -19.55 33.04
C LEU B 204 -7.96 -18.08 33.41
N GLU B 205 -6.77 -17.49 33.29
CA GLU B 205 -6.53 -16.09 33.63
C GLU B 205 -6.99 -15.12 32.54
N VAL B 206 -8.14 -15.39 31.92
CA VAL B 206 -8.72 -14.51 30.92
C VAL B 206 -10.22 -14.41 31.16
N ALA B 241 -18.87 20.82 -10.35
CA ALA B 241 -17.61 21.04 -11.07
C ALA B 241 -16.44 21.28 -10.11
N ILE B 242 -16.74 21.74 -8.90
CA ILE B 242 -15.75 22.32 -8.00
C ILE B 242 -15.15 21.20 -7.16
N ARG B 243 -13.85 20.94 -7.35
CA ARG B 243 -13.13 19.89 -6.62
C ARG B 243 -12.20 20.51 -5.58
N LYS B 244 -12.25 19.99 -4.35
CA LYS B 244 -11.40 20.43 -3.25
C LYS B 244 -10.85 19.21 -2.54
N LYS B 245 -9.63 19.35 -2.02
CA LYS B 245 -8.93 18.27 -1.34
C LYS B 245 -8.97 18.50 0.18
N LEU B 246 -9.43 17.49 0.91
CA LEU B 246 -9.50 17.49 2.37
C LEU B 246 -8.57 16.41 2.89
N VAL B 247 -7.78 16.72 3.92
CA VAL B 247 -6.98 15.72 4.63
C VAL B 247 -7.44 15.73 6.09
N ILE B 248 -7.51 14.54 6.70
CA ILE B 248 -7.92 14.38 8.10
C ILE B 248 -6.73 13.80 8.86
N VAL B 249 -6.42 14.39 10.01
CA VAL B 249 -5.32 13.95 10.87
C VAL B 249 -5.82 13.99 12.31
N GLY B 250 -5.11 13.30 13.19
CA GLY B 250 -5.46 13.21 14.61
C GLY B 250 -5.04 11.88 15.18
N ASP B 251 -5.09 11.77 16.51
CA ASP B 251 -4.52 10.62 17.23
C ASP B 251 -5.18 9.29 16.80
N GLY B 252 -4.43 8.20 17.01
CA GLY B 252 -4.92 6.86 16.72
C GLY B 252 -6.27 6.58 17.37
N ALA B 253 -7.17 5.96 16.59
CA ALA B 253 -8.48 5.52 17.04
C ALA B 253 -9.40 6.66 17.47
N CYS B 254 -9.09 7.92 17.11
CA CYS B 254 -9.98 9.00 17.55
C CYS B 254 -11.20 9.16 16.64
N GLY B 255 -11.36 8.32 15.63
CA GLY B 255 -12.56 8.28 14.83
C GLY B 255 -12.46 8.86 13.42
N LYS B 256 -11.25 9.00 12.88
CA LYS B 256 -11.09 9.69 11.60
C LYS B 256 -11.73 8.91 10.46
N THR B 257 -11.43 7.60 10.36
CA THR B 257 -11.92 6.81 9.23
C THR B 257 -13.44 6.67 9.26
N CYS B 258 -14.00 6.43 10.45
CA CYS B 258 -15.46 6.36 10.56
C CYS B 258 -16.12 7.68 10.15
N LEU B 259 -15.50 8.82 10.50
CA LEU B 259 -16.06 10.10 10.06
C LEU B 259 -16.07 10.22 8.54
N LEU B 260 -14.99 9.84 7.88
CA LEU B 260 -14.96 9.87 6.42
C LEU B 260 -15.98 8.88 5.83
N ILE B 261 -16.15 7.72 6.47
CA ILE B 261 -16.97 6.65 5.91
C ILE B 261 -18.46 7.01 5.97
N VAL B 262 -18.95 7.41 7.15
CA VAL B 262 -20.39 7.57 7.31
C VAL B 262 -20.92 8.67 6.40
N ASN B 263 -20.13 9.72 6.18
CA ASN B 263 -20.55 10.79 5.30
C ASN B 263 -20.53 10.34 3.83
N SER B 264 -19.53 9.56 3.45
CA SER B 264 -19.30 9.23 2.05
C SER B 264 -20.19 8.09 1.59
N ASN B 279 -8.60 7.11 0.69
CA ASN B 279 -9.10 8.01 -0.34
C ASN B 279 -10.59 7.69 -0.61
N TYR B 280 -11.43 8.71 -0.42
CA TYR B 280 -12.85 8.64 -0.69
C TYR B 280 -13.26 9.94 -1.38
N VAL B 281 -14.51 10.01 -1.80
CA VAL B 281 -15.07 11.21 -2.39
C VAL B 281 -16.45 11.44 -1.79
N ALA B 282 -16.72 12.68 -1.41
CA ALA B 282 -18.01 13.08 -0.88
C ALA B 282 -18.53 14.25 -1.70
N ASP B 283 -19.83 14.23 -1.99
CA ASP B 283 -20.49 15.32 -2.72
C ASP B 283 -21.21 16.21 -1.73
N ILE B 284 -20.81 17.48 -1.67
CA ILE B 284 -21.36 18.44 -0.74
C ILE B 284 -21.93 19.59 -1.54
N GLU B 285 -23.10 20.05 -1.13
CA GLU B 285 -23.67 21.28 -1.65
C GLU B 285 -23.73 22.25 -0.47
N VAL B 286 -23.09 23.40 -0.64
CA VAL B 286 -23.16 24.47 0.36
C VAL B 286 -23.37 25.78 -0.40
N ASP B 287 -24.34 26.58 0.07
CA ASP B 287 -24.60 27.91 -0.46
C ASP B 287 -24.72 27.91 -1.98
N GLY B 288 -25.44 26.92 -2.51
CA GLY B 288 -25.70 26.79 -3.93
C GLY B 288 -24.65 26.08 -4.73
N LYS B 289 -23.41 26.02 -4.26
CA LYS B 289 -22.32 25.41 -5.01
C LYS B 289 -22.17 23.94 -4.61
N GLN B 290 -22.06 23.07 -5.61
CA GLN B 290 -21.83 21.64 -5.40
C GLN B 290 -20.34 21.35 -5.50
N VAL B 291 -19.81 20.72 -4.46
CA VAL B 291 -18.37 20.47 -4.35
C VAL B 291 -18.14 18.96 -4.29
N GLU B 292 -17.22 18.48 -5.12
CA GLU B 292 -16.68 17.13 -5.04
C GLU B 292 -15.49 17.18 -4.09
N LEU B 293 -15.70 16.75 -2.85
CA LEU B 293 -14.69 16.80 -1.80
C LEU B 293 -13.91 15.50 -1.81
N ALA B 294 -12.65 15.55 -2.21
CA ALA B 294 -11.79 14.37 -2.15
C ALA B 294 -11.25 14.21 -0.73
N LEU B 295 -11.44 13.02 -0.16
CA LEU B 295 -11.14 12.77 1.25
C LEU B 295 -9.90 11.91 1.36
N TRP B 296 -8.87 12.45 1.99
CA TRP B 296 -7.61 11.73 2.17
C TRP B 296 -7.45 11.36 3.63
N ASP B 297 -7.44 10.07 3.92
CA ASP B 297 -7.34 9.52 5.27
C ASP B 297 -5.88 9.34 5.65
N THR B 298 -5.56 9.49 6.94
CA THR B 298 -4.21 9.27 7.42
C THR B 298 -4.27 8.53 8.74
N ALA B 299 -3.18 7.84 9.06
CA ALA B 299 -3.10 7.08 10.29
C ALA B 299 -2.54 7.94 11.42
N GLY B 300 -3.05 7.71 12.64
CA GLY B 300 -2.67 8.52 13.78
C GLY B 300 -1.36 8.14 14.44
N GLN B 301 -0.89 6.91 14.23
CA GLN B 301 0.27 6.40 14.96
C GLN B 301 1.57 7.02 14.46
N GLU B 302 2.55 7.09 15.37
CA GLU B 302 3.90 7.57 15.09
C GLU B 302 4.58 6.79 13.96
N ASP B 303 4.31 5.48 13.87
CA ASP B 303 4.96 4.69 12.82
C ASP B 303 4.74 5.24 11.43
N TYR B 304 3.69 6.05 11.24
CA TYR B 304 3.34 6.54 9.92
C TYR B 304 3.72 8.01 9.73
N ASP B 305 4.52 8.56 10.65
CA ASP B 305 4.94 9.94 10.54
C ASP B 305 5.72 10.20 9.26
N ARG B 306 6.51 9.22 8.81
CA ARG B 306 7.32 9.41 7.60
C ARG B 306 6.47 9.39 6.34
N LEU B 307 5.39 8.61 6.34
CA LEU B 307 4.52 8.47 5.19
C LEU B 307 3.43 9.52 5.12
N ARG B 308 3.03 10.08 6.26
CA ARG B 308 1.89 11.00 6.25
C ARG B 308 2.09 12.22 5.35
N PRO B 309 3.27 12.85 5.27
CA PRO B 309 3.38 14.06 4.42
C PRO B 309 3.12 13.83 2.93
N LEU B 310 3.17 12.59 2.45
CA LEU B 310 2.73 12.31 1.09
C LEU B 310 1.31 12.82 0.85
N SER B 311 0.48 12.80 1.88
CA SER B 311 -0.92 13.19 1.71
C SER B 311 -1.13 14.69 1.69
N TYR B 312 -0.19 15.48 2.21
CA TYR B 312 -0.47 16.89 2.42
C TYR B 312 -0.46 17.80 1.18
N PRO B 313 0.38 17.57 0.17
CA PRO B 313 0.45 18.53 -0.95
C PRO B 313 -0.92 18.78 -1.58
N ASP B 314 -1.17 20.03 -1.96
CA ASP B 314 -2.38 20.49 -2.64
C ASP B 314 -3.60 20.53 -1.71
N THR B 315 -3.44 20.31 -0.41
CA THR B 315 -4.59 20.28 0.49
C THR B 315 -5.30 21.62 0.52
N ASP B 316 -6.65 21.59 0.45
CA ASP B 316 -7.45 22.81 0.58
C ASP B 316 -8.06 23.01 1.97
N VAL B 317 -8.20 21.96 2.77
CA VAL B 317 -8.73 22.10 4.13
C VAL B 317 -8.29 20.89 4.93
N ILE B 318 -8.01 21.13 6.20
CA ILE B 318 -7.59 20.07 7.12
C ILE B 318 -8.72 19.85 8.11
N LEU B 319 -9.10 18.60 8.32
CA LEU B 319 -9.86 18.21 9.49
C LEU B 319 -8.86 17.72 10.52
N MET B 320 -8.70 18.44 11.61
CA MET B 320 -7.82 18.02 12.69
C MET B 320 -8.70 17.48 13.82
N CYS B 321 -8.57 16.19 14.12
CA CYS B 321 -9.50 15.51 15.01
C CYS B 321 -8.89 15.16 16.36
N PHE B 322 -9.73 15.22 17.39
CA PHE B 322 -9.49 14.54 18.66
C PHE B 322 -10.77 13.82 19.05
N SER B 323 -10.68 12.96 20.04
CA SER B 323 -11.87 12.27 20.53
C SER B 323 -12.32 12.90 21.84
N ILE B 324 -13.63 13.10 21.96
CA ILE B 324 -14.20 13.66 23.19
C ILE B 324 -13.99 12.72 24.38
N ASP B 325 -13.79 11.42 24.13
CA ASP B 325 -13.51 10.48 25.22
C ASP B 325 -12.03 10.40 25.55
N SER B 326 -11.21 11.27 24.98
CA SER B 326 -9.76 11.20 25.17
C SER B 326 -9.17 12.60 25.33
N PRO B 327 -9.07 13.09 26.56
CA PRO B 327 -8.31 14.34 26.80
C PRO B 327 -6.87 14.27 26.30
N ASP B 328 -6.23 13.08 26.30
CA ASP B 328 -4.88 12.99 25.74
C ASP B 328 -4.86 13.36 24.26
N SER B 329 -5.87 12.93 23.50
CA SER B 329 -5.89 13.25 22.07
C SER B 329 -6.08 14.74 21.83
N LEU B 330 -6.83 15.43 22.70
CA LEU B 330 -6.91 16.89 22.61
C LEU B 330 -5.56 17.55 22.90
N GLU B 331 -4.83 17.06 23.91
CA GLU B 331 -3.53 17.63 24.24
C GLU B 331 -2.52 17.44 23.10
N ASN B 332 -2.66 16.38 22.31
CA ASN B 332 -1.77 16.19 21.18
C ASN B 332 -2.10 17.11 20.01
N ILE B 333 -3.22 17.82 20.04
CA ILE B 333 -3.56 18.77 18.98
C ILE B 333 -2.51 19.88 18.91
N PRO B 334 -2.23 20.64 19.99
CA PRO B 334 -1.19 21.68 19.89
C PRO B 334 0.23 21.14 19.92
N GLU B 335 0.46 19.99 20.57
CA GLU B 335 1.81 19.45 20.73
C GLU B 335 2.30 18.74 19.47
N LYS B 336 1.42 18.04 18.76
CA LYS B 336 1.86 17.23 17.62
C LYS B 336 1.19 17.64 16.31
N TRP B 337 -0.15 17.67 16.25
CA TRP B 337 -0.80 17.81 14.95
C TRP B 337 -0.67 19.22 14.39
N THR B 338 -0.78 20.23 15.24
CA THR B 338 -0.67 21.60 14.75
C THR B 338 0.69 21.93 14.15
N PRO B 339 1.83 21.64 14.80
CA PRO B 339 3.12 21.91 14.14
C PRO B 339 3.31 21.14 12.83
N GLU B 340 2.91 19.87 12.77
CA GLU B 340 3.09 19.12 11.53
C GLU B 340 2.28 19.74 10.40
N VAL B 341 1.02 20.07 10.68
CA VAL B 341 0.13 20.59 9.65
C VAL B 341 0.57 21.98 9.21
N LYS B 342 0.94 22.85 10.16
CA LYS B 342 1.37 24.19 9.77
C LYS B 342 2.66 24.15 8.96
N HIS B 343 3.47 23.10 9.13
CA HIS B 343 4.71 23.00 8.37
C HIS B 343 4.44 22.60 6.92
N PHE B 344 3.59 21.60 6.70
CA PHE B 344 3.34 21.06 5.36
C PHE B 344 2.15 21.71 4.66
N CYS B 345 1.28 22.36 5.42
CA CYS B 345 0.08 23.01 4.88
C CYS B 345 -0.01 24.46 5.35
N PRO B 346 0.97 25.30 5.01
CA PRO B 346 0.87 26.72 5.42
C PRO B 346 -0.36 27.38 4.81
N ASN B 347 -1.05 28.16 5.63
CA ASN B 347 -2.24 28.91 5.22
C ASN B 347 -3.39 28.00 4.78
N VAL B 348 -3.36 26.73 5.13
CA VAL B 348 -4.52 25.90 4.82
C VAL B 348 -5.47 26.01 6.00
N PRO B 349 -6.74 26.31 5.78
CA PRO B 349 -7.68 26.40 6.90
C PRO B 349 -7.84 25.06 7.58
N ILE B 350 -7.99 25.11 8.91
CA ILE B 350 -8.09 23.92 9.75
C ILE B 350 -9.46 23.92 10.43
N ILE B 351 -10.17 22.80 10.36
CA ILE B 351 -11.36 22.60 11.18
C ILE B 351 -10.95 21.71 12.34
N LEU B 352 -11.12 22.19 13.58
CA LEU B 352 -10.89 21.34 14.76
C LEU B 352 -12.16 20.56 15.05
N VAL B 353 -12.07 19.24 15.04
CA VAL B 353 -13.24 18.36 15.16
C VAL B 353 -13.10 17.50 16.42
N GLY B 354 -14.10 17.57 17.29
CA GLY B 354 -14.24 16.65 18.41
C GLY B 354 -15.15 15.50 18.04
N ASN B 355 -14.57 14.31 17.89
CA ASN B 355 -15.29 13.11 17.49
C ASN B 355 -15.92 12.40 18.70
N LYS B 356 -16.79 11.43 18.41
CA LYS B 356 -17.37 10.55 19.43
C LYS B 356 -18.12 11.34 20.51
N LYS B 357 -18.86 12.37 20.10
CA LYS B 357 -19.66 13.16 21.05
C LYS B 357 -20.60 12.28 21.86
N ASP B 358 -21.03 11.15 21.29
CA ASP B 358 -21.96 10.26 21.98
C ASP B 358 -21.35 9.65 23.23
N LEU B 359 -20.04 9.71 23.39
CA LEU B 359 -19.39 9.16 24.57
C LEU B 359 -19.26 10.18 25.71
N ARG B 360 -19.67 11.43 25.50
CA ARG B 360 -19.48 12.44 26.55
C ARG B 360 -20.22 12.03 27.83
N ASN B 361 -21.38 11.39 27.70
CA ASN B 361 -22.15 10.96 28.87
C ASN B 361 -22.29 9.43 28.95
N ASP B 362 -21.38 8.71 28.29
CA ASP B 362 -21.35 7.25 28.34
C ASP B 362 -20.71 6.78 29.64
N GLU B 363 -21.39 5.85 30.33
CA GLU B 363 -20.97 5.46 31.68
C GLU B 363 -19.60 4.77 31.67
N HIS B 364 -19.40 3.82 30.75
CA HIS B 364 -18.10 3.13 30.66
C HIS B 364 -16.97 4.12 30.42
N THR B 365 -17.18 5.08 29.52
CA THR B 365 -16.20 6.14 29.27
C THR B 365 -15.89 6.94 30.54
N ARG B 366 -16.94 7.34 31.26
CA ARG B 366 -16.72 8.15 32.46
C ARG B 366 -15.97 7.37 33.52
N ARG B 367 -16.28 6.08 33.68
CA ARG B 367 -15.59 5.26 34.68
C ARG B 367 -14.13 5.04 34.30
N GLU B 368 -13.85 4.79 33.01
CA GLU B 368 -12.46 4.61 32.59
C GLU B 368 -11.66 5.89 32.79
N LEU B 369 -12.22 7.04 32.37
CA LEU B 369 -11.48 8.30 32.51
C LEU B 369 -11.28 8.68 33.96
N ALA B 370 -12.25 8.36 34.83
CA ALA B 370 -12.16 8.77 36.22
C ALA B 370 -11.02 8.07 36.95
N LYS B 371 -10.65 6.87 36.52
CA LYS B 371 -9.52 6.16 37.13
C LYS B 371 -8.24 7.01 37.09
N MET B 372 -8.08 7.83 36.05
CA MET B 372 -6.92 8.70 35.91
C MET B 372 -7.22 10.16 36.23
N LYS B 373 -8.33 10.43 36.94
CA LYS B 373 -8.73 11.79 37.31
C LYS B 373 -9.03 12.63 36.08
N GLN B 374 -9.54 12.01 35.02
CA GLN B 374 -9.94 12.71 33.81
C GLN B 374 -11.45 12.56 33.60
N GLU B 375 -11.95 13.33 32.65
CA GLU B 375 -13.36 13.31 32.27
C GLU B 375 -13.45 13.69 30.81
N PRO B 376 -14.57 13.40 30.15
CA PRO B 376 -14.68 13.72 28.73
C PRO B 376 -14.44 15.20 28.46
N VAL B 377 -13.88 15.48 27.29
CA VAL B 377 -13.61 16.86 26.89
C VAL B 377 -14.92 17.64 26.86
N LYS B 378 -14.93 18.82 27.47
CA LYS B 378 -16.12 19.66 27.46
C LYS B 378 -16.15 20.54 26.21
N PRO B 379 -17.34 20.92 25.74
CA PRO B 379 -17.40 21.73 24.50
C PRO B 379 -16.54 22.97 24.55
N GLU B 380 -16.54 23.69 25.68
CA GLU B 380 -15.75 24.90 25.81
C GLU B 380 -14.25 24.61 25.73
N GLU B 381 -13.81 23.41 26.16
CA GLU B 381 -12.40 23.09 26.03
C GLU B 381 -11.98 22.93 24.57
N GLY B 382 -12.83 22.31 23.75
CA GLY B 382 -12.52 22.20 22.35
C GLY B 382 -12.48 23.54 21.66
N ARG B 383 -13.44 24.43 21.99
CA ARG B 383 -13.50 25.74 21.36
C ARG B 383 -12.26 26.57 21.68
N ASP B 384 -11.84 26.59 22.95
CA ASP B 384 -10.60 27.29 23.33
C ASP B 384 -9.41 26.77 22.55
N MET B 385 -9.31 25.44 22.40
CA MET B 385 -8.20 24.91 21.62
C MET B 385 -8.30 25.36 20.17
N ALA B 386 -9.52 25.40 19.62
CA ALA B 386 -9.69 25.85 18.24
C ALA B 386 -9.15 27.27 18.05
N ASN B 387 -9.48 28.17 18.98
CA ASN B 387 -8.92 29.51 18.87
C ASN B 387 -7.41 29.50 19.05
N ARG B 388 -6.93 28.69 19.99
CA ARG B 388 -5.49 28.64 20.26
C ARG B 388 -4.70 28.33 19.00
N ILE B 389 -5.15 27.35 18.21
CA ILE B 389 -4.37 26.94 17.05
C ILE B 389 -4.74 27.72 15.81
N GLY B 390 -5.66 28.67 15.91
CA GLY B 390 -6.05 29.42 14.74
C GLY B 390 -6.91 28.64 13.77
N ALA B 391 -7.76 27.75 14.28
CA ALA B 391 -8.64 27.00 13.40
C ALA B 391 -9.70 27.91 12.80
N PHE B 392 -10.15 27.56 11.59
CA PHE B 392 -11.28 28.25 10.97
C PHE B 392 -12.54 28.10 11.83
N GLY B 393 -12.73 26.94 12.43
CA GLY B 393 -13.89 26.73 13.27
C GLY B 393 -13.73 25.46 14.07
N TYR B 394 -14.73 25.21 14.92
CA TYR B 394 -14.78 24.07 15.82
C TYR B 394 -16.11 23.36 15.61
N MET B 395 -16.10 22.03 15.62
CA MET B 395 -17.33 21.28 15.43
C MET B 395 -17.22 19.93 16.13
N GLU B 396 -18.32 19.52 16.77
CA GLU B 396 -18.37 18.20 17.40
C GLU B 396 -19.32 17.31 16.62
N CYS B 397 -19.09 16.00 16.70
CA CYS B 397 -19.91 15.08 15.94
C CYS B 397 -19.81 13.68 16.52
N SER B 398 -20.67 12.80 16.04
CA SER B 398 -20.61 11.37 16.36
C SER B 398 -20.80 10.60 15.07
N ALA B 399 -19.73 9.98 14.58
CA ALA B 399 -19.89 9.07 13.45
C ALA B 399 -20.89 7.95 13.78
N LYS B 400 -20.96 7.55 15.06
CA LYS B 400 -21.82 6.45 15.44
C LYS B 400 -23.30 6.78 15.25
N THR B 401 -23.74 7.96 15.72
CA THR B 401 -25.14 8.38 15.57
C THR B 401 -25.39 9.26 14.34
N LYS B 402 -24.34 9.65 13.61
CA LYS B 402 -24.34 10.56 12.47
C LYS B 402 -24.60 12.02 12.86
N ASP B 403 -24.80 12.32 14.13
CA ASP B 403 -25.09 13.68 14.58
C ASP B 403 -23.90 14.60 14.32
N GLY B 404 -24.14 15.74 13.66
CA GLY B 404 -23.09 16.70 13.40
C GLY B 404 -22.13 16.35 12.27
N VAL B 405 -22.24 15.16 11.66
CA VAL B 405 -21.29 14.80 10.62
C VAL B 405 -21.48 15.66 9.39
N ARG B 406 -22.73 15.90 8.99
CA ARG B 406 -22.99 16.74 7.81
C ARG B 406 -22.47 18.15 8.03
N GLU B 407 -22.65 18.69 9.23
CA GLU B 407 -22.19 20.04 9.54
C GLU B 407 -20.67 20.14 9.51
N VAL B 408 -19.95 19.06 9.84
CA VAL B 408 -18.48 19.09 9.77
C VAL B 408 -18.01 19.31 8.34
N PHE B 409 -18.52 18.49 7.41
CA PHE B 409 -18.04 18.58 6.04
C PHE B 409 -18.55 19.83 5.36
N GLU B 410 -19.73 20.33 5.76
CA GLU B 410 -20.22 21.60 5.23
C GLU B 410 -19.32 22.75 5.67
N MET B 411 -18.88 22.74 6.93
CA MET B 411 -17.97 23.78 7.40
C MET B 411 -16.61 23.67 6.70
N ALA B 412 -16.10 22.45 6.52
CA ALA B 412 -14.83 22.27 5.84
C ALA B 412 -14.90 22.78 4.40
N THR B 413 -16.04 22.55 3.74
CA THR B 413 -16.19 22.95 2.35
C THR B 413 -16.26 24.48 2.25
N ARG B 414 -17.00 25.11 3.17
CA ARG B 414 -17.04 26.57 3.21
C ARG B 414 -15.65 27.15 3.43
N ALA B 415 -14.85 26.53 4.31
CA ALA B 415 -13.48 26.97 4.53
C ALA B 415 -12.65 26.80 3.26
N ALA B 416 -12.79 25.66 2.59
CA ALA B 416 -12.05 25.43 1.35
C ALA B 416 -12.42 26.43 0.27
N LEU B 417 -13.63 26.98 0.31
CA LEU B 417 -14.13 27.87 -0.74
C LEU B 417 -13.83 29.34 -0.50
N GLN B 418 -13.30 29.71 0.67
CA GLN B 418 -12.95 31.11 0.94
C GLN B 418 -12.13 31.74 -0.20
#